data_3KOB
#
_entry.id   3KOB
#
_cell.length_a   51.948
_cell.length_b   54.656
_cell.length_c   92.619
_cell.angle_alpha   106.860
_cell.angle_beta   102.100
_cell.angle_gamma   94.350
#
_symmetry.space_group_name_H-M   'P 1'
#
loop_
_entity.id
_entity.type
_entity.pdbx_description
1 polymer 'D-tyrosyl-tRNA(Tyr) deacylase'
2 non-polymer 'D-GLUTAMIC ACID'
#
_entity_poly.entity_id   1
_entity_poly.type   'polypeptide(L)'
_entity_poly.pdbx_seq_one_letter_code
;MRVVIQRVKGAILSVRKENIGENEKELEIISEIKNGLICFLGIHKNDTWEDALYIIRKCLNLRLWNNDNKTWDKNVKDLN
YELLIVSQFTLFGNTKKGNKPDFHLAKEPNEALIFYNKIIDEFKKQYNDDKIKIGKFGNYMNIDVTNDGPVTIYIDTHDI
NLNK
;
_entity_poly.pdbx_strand_id   A,B,C,D,E,F
#
# COMPACT_ATOMS: atom_id res chain seq x y z
N MET A 1 -0.71 5.51 -10.52
CA MET A 1 0.26 5.57 -9.38
C MET A 1 -0.49 5.45 -8.07
N ARG A 2 0.20 4.93 -7.06
CA ARG A 2 -0.51 4.50 -5.87
C ARG A 2 0.18 4.93 -4.63
N VAL A 3 -0.59 5.53 -3.74
CA VAL A 3 -0.01 5.99 -2.51
C VAL A 3 -0.90 5.71 -1.32
N VAL A 4 -0.22 5.27 -0.27
CA VAL A 4 -0.81 5.17 1.04
C VAL A 4 -0.08 6.13 1.91
N ILE A 5 -0.89 6.94 2.55
CA ILE A 5 -0.43 8.08 3.30
C ILE A 5 -0.92 7.83 4.69
N GLN A 6 0.04 7.61 5.57
CA GLN A 6 -0.30 7.42 6.95
C GLN A 6 0.28 8.51 7.75
N ARG A 7 -0.60 9.10 8.54
CA ARG A 7 -0.27 10.21 9.40
C ARG A 7 0.46 9.67 10.61
N VAL A 8 1.56 10.33 10.94
CA VAL A 8 2.50 9.78 11.91
C VAL A 8 3.08 10.80 12.93
N LYS A 9 3.31 10.34 14.17
CA LYS A 9 4.05 11.10 15.18
C LYS A 9 5.52 11.19 14.80
N GLY A 10 5.96 10.20 14.02
CA GLY A 10 7.38 10.01 13.65
C GLY A 10 7.59 8.68 12.93
N ALA A 11 8.77 8.53 12.34
CA ALA A 11 9.14 7.32 11.59
C ALA A 11 10.66 7.13 11.50
N ILE A 12 11.11 5.88 11.54
CA ILE A 12 12.51 5.58 11.61
C ILE A 12 12.79 4.44 10.67
N LEU A 13 13.40 4.74 9.54
CA LEU A 13 13.64 3.75 8.51
C LEU A 13 15.00 3.10 8.67
N SER A 14 15.07 1.78 8.43
CA SER A 14 16.27 0.97 8.69
C SER A 14 16.55 -0.13 7.65
N VAL A 15 17.83 -0.28 7.32
CA VAL A 15 18.30 -1.28 6.38
C VAL A 15 19.12 -2.34 7.13
N ARG A 16 19.68 -3.31 6.40
CA ARG A 16 20.42 -4.42 7.06
C ARG A 16 21.94 -4.33 6.89
N LEU A 27 21.03 -4.21 11.43
CA LEU A 27 20.03 -3.19 11.17
C LEU A 27 20.52 -1.76 11.40
N GLU A 28 20.30 -0.86 10.44
CA GLU A 28 20.61 0.56 10.71
C GLU A 28 19.63 1.66 10.25
N ILE A 29 19.29 2.53 11.21
CA ILE A 29 18.55 3.77 10.98
C ILE A 29 19.26 4.63 9.95
N ILE A 30 18.64 4.82 8.80
CA ILE A 30 19.18 5.83 7.92
C ILE A 30 18.18 6.93 7.65
N SER A 31 16.94 6.75 8.11
CA SER A 31 15.95 7.79 7.93
C SER A 31 15.08 8.04 9.13
N GLU A 32 14.68 9.29 9.25
CA GLU A 32 13.88 9.69 10.37
C GLU A 32 13.07 10.94 10.05
N ILE A 33 11.81 10.91 10.48
CA ILE A 33 11.02 12.10 10.59
C ILE A 33 10.40 12.04 11.97
N LYS A 34 10.18 13.20 12.60
CA LYS A 34 9.27 13.24 13.73
C LYS A 34 7.87 13.46 13.13
N ASN A 35 7.07 14.38 13.64
CA ASN A 35 5.72 14.51 13.12
C ASN A 35 5.69 14.78 11.61
N GLY A 36 4.74 14.13 10.93
CA GLY A 36 4.53 14.27 9.47
C GLY A 36 3.72 13.15 8.83
N LEU A 37 4.05 12.83 7.57
CA LEU A 37 3.34 11.83 6.79
C LEU A 37 4.28 10.77 6.28
N ILE A 38 3.85 9.50 6.36
CA ILE A 38 4.57 8.44 5.65
C ILE A 38 3.81 8.03 4.42
N CYS A 39 4.59 7.80 3.38
CA CYS A 39 4.05 7.75 2.07
C CYS A 39 4.61 6.60 1.33
N PHE A 40 3.74 5.61 1.15
CA PHE A 40 4.07 4.39 0.50
C PHE A 40 3.71 4.60 -0.93
N LEU A 41 4.72 4.62 -1.78
CA LEU A 41 4.57 5.04 -3.16
C LEU A 41 4.77 3.92 -4.21
N GLY A 42 3.67 3.46 -4.78
CA GLY A 42 3.70 2.46 -5.83
C GLY A 42 3.59 3.11 -7.18
N ILE A 43 4.35 2.57 -8.15
CA ILE A 43 4.50 3.19 -9.48
C ILE A 43 4.17 2.23 -10.62
N HIS A 44 2.96 2.36 -11.15
CA HIS A 44 2.50 1.62 -12.33
C HIS A 44 3.50 1.74 -13.50
N LYS A 45 3.53 0.71 -14.36
CA LYS A 45 4.39 0.69 -15.57
C LYS A 45 4.02 1.73 -16.62
N ASN A 46 2.78 2.25 -16.54
CA ASN A 46 2.26 3.26 -17.47
C ASN A 46 1.97 4.59 -16.81
N ASP A 47 2.64 4.88 -15.69
CA ASP A 47 2.54 6.22 -15.10
C ASP A 47 3.26 7.18 -16.02
N THR A 48 2.64 8.34 -16.22
CA THR A 48 3.25 9.46 -16.94
C THR A 48 3.55 10.48 -15.88
N TRP A 49 4.54 11.33 -16.12
CA TRP A 49 4.98 12.30 -15.13
C TRP A 49 3.81 12.93 -14.36
N GLU A 50 2.79 13.37 -15.11
CA GLU A 50 1.54 13.86 -14.53
C GLU A 50 1.03 13.07 -13.31
N ASP A 51 1.11 11.75 -13.41
CA ASP A 51 0.74 10.90 -12.30
C ASP A 51 1.55 11.26 -11.09
N ALA A 52 2.85 11.47 -11.31
CA ALA A 52 3.75 11.80 -10.21
C ALA A 52 3.50 13.22 -9.64
N LEU A 53 2.92 14.10 -10.44
CA LEU A 53 2.59 15.43 -9.96
C LEU A 53 1.40 15.37 -9.03
N TYR A 54 0.37 14.69 -9.47
CA TYR A 54 -0.81 14.55 -8.65
C TYR A 54 -0.42 14.04 -7.26
N ILE A 55 0.38 12.97 -7.21
CA ILE A 55 0.80 12.40 -5.95
C ILE A 55 1.48 13.49 -5.15
N ILE A 56 2.63 13.96 -5.65
CA ILE A 56 3.45 14.94 -4.96
C ILE A 56 2.56 16.03 -4.39
N ARG A 57 1.79 16.66 -5.26
CA ARG A 57 0.78 17.59 -4.83
C ARG A 57 0.02 17.15 -3.58
N LYS A 58 -0.89 16.18 -3.72
CA LYS A 58 -1.82 15.84 -2.64
C LYS A 58 -1.12 15.60 -1.31
N CYS A 59 -0.07 14.80 -1.33
CA CYS A 59 0.78 14.53 -0.15
C CYS A 59 1.08 15.77 0.67
N LEU A 60 1.77 16.72 0.05
CA LEU A 60 1.96 18.04 0.64
C LEU A 60 0.60 18.71 0.90
N ASN A 61 -0.30 18.65 -0.07
CA ASN A 61 -1.45 19.51 -0.01
C ASN A 61 -2.67 19.07 0.80
N LEU A 62 -2.90 17.76 0.94
CA LEU A 62 -4.02 17.27 1.78
C LEU A 62 -3.97 17.71 3.26
N ARG A 63 -5.16 17.88 3.85
CA ARG A 63 -5.34 18.58 5.13
C ARG A 63 -5.52 17.70 6.38
N LEU A 64 -4.59 16.78 6.58
CA LEU A 64 -4.82 15.65 7.46
C LEU A 64 -4.68 15.98 8.95
N TRP A 65 -4.59 17.27 9.26
CA TRP A 65 -4.54 17.72 10.67
C TRP A 65 -5.69 18.66 11.02
N ASN A 66 -6.31 18.41 12.17
CA ASN A 66 -7.26 19.36 12.73
C ASN A 66 -6.43 20.52 13.16
N ASN A 67 -7.10 21.62 13.49
CA ASN A 67 -6.41 22.74 14.12
C ASN A 67 -7.29 23.72 14.90
N ASP A 68 -7.04 23.73 16.20
CA ASP A 68 -7.66 24.62 17.18
C ASP A 68 -9.17 24.71 17.01
N ASN A 69 -9.87 23.60 17.27
CA ASN A 69 -11.34 23.64 17.21
C ASN A 69 -11.91 23.61 15.74
N LYS A 70 -11.01 23.39 14.76
CA LYS A 70 -11.39 23.05 13.38
C LYS A 70 -10.76 21.69 13.00
N THR A 71 -11.35 21.00 12.03
CA THR A 71 -10.90 19.64 11.72
C THR A 71 -10.34 19.59 10.31
N TRP A 72 -9.57 18.56 10.00
CA TRP A 72 -9.07 18.41 8.64
C TRP A 72 -8.73 19.77 8.02
N ASP A 73 -7.80 20.49 8.62
CA ASP A 73 -7.56 21.86 8.23
C ASP A 73 -6.18 22.19 7.75
N LYS A 74 -5.17 22.01 8.60
CA LYS A 74 -3.82 22.28 8.15
C LYS A 74 -3.17 21.02 7.53
N ASN A 75 -2.31 21.22 6.52
CA ASN A 75 -1.66 20.14 5.75
C ASN A 75 -0.23 20.02 6.21
N VAL A 76 0.57 19.10 5.66
CA VAL A 76 1.95 18.98 6.15
C VAL A 76 2.63 20.33 6.15
N LYS A 77 2.59 21.01 5.01
CA LYS A 77 3.41 22.20 4.80
C LYS A 77 3.21 23.21 5.94
N ASP A 78 1.97 23.68 6.08
CA ASP A 78 1.51 24.52 7.18
C ASP A 78 2.15 24.19 8.51
N LEU A 79 2.19 22.92 8.89
CA LEU A 79 2.67 22.64 10.21
C LEU A 79 4.17 22.46 10.24
N ASN A 80 4.82 22.77 9.12
CA ASN A 80 6.27 22.60 8.99
C ASN A 80 6.76 21.18 9.26
N TYR A 81 5.95 20.21 8.86
CA TYR A 81 6.19 18.78 9.09
C TYR A 81 6.90 18.07 7.96
N GLU A 82 7.62 16.98 8.26
CA GLU A 82 8.37 16.17 7.25
C GLU A 82 7.50 15.12 6.53
N LEU A 83 8.13 14.42 5.58
CA LEU A 83 7.48 13.35 4.83
C LEU A 83 8.47 12.19 4.60
N LEU A 84 8.06 10.96 4.91
CA LEU A 84 8.91 9.81 4.58
C LEU A 84 8.36 9.05 3.39
N ILE A 85 9.04 9.22 2.28
CA ILE A 85 8.62 8.65 1.04
C ILE A 85 9.37 7.33 0.90
N VAL A 86 8.60 6.24 0.90
CA VAL A 86 9.11 4.89 0.66
C VAL A 86 8.48 4.34 -0.60
N SER A 87 9.31 3.79 -1.48
CA SER A 87 8.83 3.11 -2.67
C SER A 87 8.16 1.76 -2.34
N GLN A 88 7.00 1.47 -2.92
CA GLN A 88 6.22 0.25 -2.56
C GLN A 88 5.42 -0.49 -3.64
N PHE A 89 6.07 -1.38 -4.39
CA PHE A 89 5.41 -2.04 -5.54
C PHE A 89 4.30 -3.01 -5.15
N THR A 90 4.38 -3.46 -3.91
CA THR A 90 3.49 -4.44 -3.39
C THR A 90 2.08 -3.90 -3.47
N LEU A 91 1.98 -2.61 -3.77
CA LEU A 91 0.70 -1.95 -3.95
C LEU A 91 0.04 -2.38 -5.24
N PHE A 92 0.86 -2.82 -6.19
CA PHE A 92 0.30 -3.43 -7.38
C PHE A 92 0.24 -4.93 -7.25
N GLY A 93 0.38 -5.39 -6.02
CA GLY A 93 0.03 -6.75 -5.67
C GLY A 93 -1.34 -7.00 -6.27
N ASN A 94 -1.44 -8.01 -7.12
CA ASN A 94 -2.75 -8.42 -7.54
C ASN A 94 -3.28 -9.58 -6.72
N THR A 95 -4.43 -9.37 -6.09
CA THR A 95 -5.01 -10.37 -5.21
C THR A 95 -6.33 -10.93 -5.78
N LYS A 96 -6.39 -11.07 -7.10
CA LYS A 96 -7.61 -11.57 -7.75
C LYS A 96 -7.37 -12.95 -8.38
N LYS A 97 -6.13 -13.20 -8.81
CA LYS A 97 -5.68 -14.54 -9.12
C LYS A 97 -5.87 -15.38 -7.85
N GLY A 98 -4.88 -15.40 -6.96
CA GLY A 98 -4.98 -16.24 -5.76
C GLY A 98 -4.23 -15.72 -4.55
N ASN A 99 -3.91 -16.63 -3.64
CA ASN A 99 -3.28 -16.26 -2.42
C ASN A 99 -1.82 -15.85 -2.60
N LYS A 100 -1.22 -16.26 -3.70
CA LYS A 100 0.05 -15.68 -4.07
C LYS A 100 -0.27 -14.45 -4.91
N PRO A 101 0.38 -13.28 -4.60
CA PRO A 101 0.16 -12.05 -5.35
C PRO A 101 1.19 -11.84 -6.47
N ASP A 102 0.73 -11.64 -7.71
CA ASP A 102 1.61 -11.25 -8.83
C ASP A 102 1.61 -9.73 -9.02
N PHE A 103 2.82 -9.18 -9.14
CA PHE A 103 3.05 -7.74 -9.13
C PHE A 103 3.31 -7.21 -10.55
N HIS A 104 2.89 -7.96 -11.56
CA HIS A 104 3.14 -7.63 -12.96
C HIS A 104 3.00 -6.13 -13.19
N LEU A 105 1.82 -5.62 -12.83
CA LEU A 105 1.42 -4.26 -13.21
C LEU A 105 2.30 -3.11 -12.70
N ALA A 106 3.34 -3.43 -11.92
CA ALA A 106 4.27 -2.42 -11.43
C ALA A 106 5.38 -2.21 -12.45
N LYS A 107 5.90 -0.98 -12.49
CA LYS A 107 6.99 -0.55 -13.39
C LYS A 107 8.33 -1.25 -13.05
N GLU A 108 9.08 -1.64 -14.08
CA GLU A 108 10.32 -2.43 -13.92
C GLU A 108 11.39 -1.68 -13.11
N PRO A 109 11.91 -2.30 -12.04
CA PRO A 109 12.72 -1.65 -11.01
C PRO A 109 13.81 -0.69 -11.51
N ASN A 110 14.63 -1.15 -12.46
CA ASN A 110 15.71 -0.33 -13.03
C ASN A 110 15.27 1.02 -13.56
N GLU A 111 14.07 1.05 -14.13
CA GLU A 111 13.51 2.27 -14.70
C GLU A 111 12.52 2.99 -13.75
N ALA A 112 11.86 2.22 -12.89
CA ALA A 112 11.08 2.79 -11.79
C ALA A 112 11.96 3.64 -10.85
N LEU A 113 13.22 3.28 -10.73
CA LEU A 113 14.13 3.95 -9.81
C LEU A 113 14.40 5.35 -10.28
N ILE A 114 14.56 5.51 -11.59
CA ILE A 114 14.68 6.84 -12.18
C ILE A 114 13.48 7.63 -11.66
N PHE A 115 12.28 7.18 -12.03
CA PHE A 115 11.01 7.85 -11.70
C PHE A 115 10.91 8.30 -10.25
N TYR A 116 11.18 7.39 -9.32
CA TYR A 116 11.17 7.68 -7.89
C TYR A 116 12.00 8.92 -7.59
N ASN A 117 13.27 8.88 -7.99
CA ASN A 117 14.18 9.97 -7.77
C ASN A 117 13.67 11.30 -8.34
N LYS A 118 13.19 11.31 -9.58
CA LYS A 118 12.56 12.49 -10.16
C LYS A 118 11.54 13.05 -9.18
N ILE A 119 10.64 12.17 -8.76
CA ILE A 119 9.58 12.45 -7.80
C ILE A 119 10.14 13.04 -6.50
N ILE A 120 11.25 12.48 -6.03
CA ILE A 120 11.85 12.92 -4.77
C ILE A 120 12.43 14.31 -4.89
N ASP A 121 12.92 14.65 -6.09
CA ASP A 121 13.48 15.96 -6.34
C ASP A 121 12.38 16.98 -6.42
N GLU A 122 11.37 16.63 -7.22
CA GLU A 122 10.20 17.45 -7.32
C GLU A 122 9.47 17.59 -5.99
N PHE A 123 9.61 16.61 -5.10
CA PHE A 123 9.04 16.80 -3.78
C PHE A 123 9.68 18.01 -3.12
N LYS A 124 10.99 18.10 -3.23
CA LYS A 124 11.75 19.18 -2.62
C LYS A 124 11.41 20.55 -3.20
N LYS A 125 11.31 20.61 -4.52
CA LYS A 125 10.98 21.82 -5.24
C LYS A 125 9.54 22.30 -4.95
N GLN A 126 8.72 21.40 -4.40
CA GLN A 126 7.32 21.73 -4.17
C GLN A 126 7.05 22.05 -2.71
N TYR A 127 8.14 22.09 -1.95
CA TYR A 127 8.13 22.37 -0.54
C TYR A 127 9.55 22.84 -0.12
N ASN A 128 10.29 21.96 0.53
CA ASN A 128 11.45 22.37 1.26
C ASN A 128 12.28 21.11 1.39
N ASP A 129 13.34 21.03 0.61
CA ASP A 129 14.19 19.84 0.63
C ASP A 129 14.60 19.29 2.00
N ASP A 130 14.62 20.16 3.00
CA ASP A 130 15.09 19.82 4.32
C ASP A 130 14.07 18.91 4.98
N LYS A 131 12.91 18.81 4.33
CA LYS A 131 11.74 18.20 4.95
C LYS A 131 11.14 17.04 4.14
N ILE A 132 11.94 16.44 3.25
CA ILE A 132 11.53 15.26 2.52
C ILE A 132 12.54 14.18 2.81
N LYS A 133 12.14 13.09 3.46
CA LYS A 133 13.01 11.92 3.61
C LYS A 133 12.56 10.75 2.75
N ILE A 134 13.52 9.85 2.49
CA ILE A 134 13.31 8.67 1.64
C ILE A 134 13.80 7.38 2.28
N GLY A 135 13.79 6.29 1.50
CA GLY A 135 14.35 5.00 1.90
C GLY A 135 15.23 4.45 0.79
N LYS A 136 15.97 3.37 1.07
CA LYS A 136 16.78 2.74 0.02
C LYS A 136 15.90 1.91 -0.90
N PHE A 137 15.88 2.30 -2.16
CA PHE A 137 15.00 1.73 -3.16
C PHE A 137 15.13 0.20 -3.15
N GLY A 138 16.22 -0.30 -3.71
CA GLY A 138 16.39 -1.74 -3.91
C GLY A 138 16.08 -2.52 -2.66
N ASN A 139 16.52 -1.99 -1.55
CA ASN A 139 16.77 -2.77 -0.37
C ASN A 139 15.56 -3.07 0.53
N TYR A 140 15.70 -4.17 1.27
CA TYR A 140 14.75 -4.55 2.30
C TYR A 140 14.81 -3.55 3.44
N MET A 141 13.62 -3.18 3.94
CA MET A 141 13.49 -2.15 4.95
C MET A 141 12.67 -2.57 6.16
N ASN A 142 13.01 -1.97 7.29
CA ASN A 142 12.31 -2.17 8.55
C ASN A 142 12.03 -0.79 9.08
N ILE A 143 10.75 -0.43 9.16
CA ILE A 143 10.38 0.91 9.57
C ILE A 143 9.47 0.86 10.78
N ASP A 144 9.85 1.57 11.83
CA ASP A 144 8.97 1.75 12.99
C ASP A 144 8.07 2.96 12.79
N VAL A 145 6.75 2.74 12.88
CA VAL A 145 5.81 3.84 12.65
C VAL A 145 4.92 4.08 13.86
N THR A 146 4.77 5.37 14.19
CA THR A 146 3.80 5.79 15.18
C THR A 146 2.62 6.37 14.44
N ASN A 147 1.55 5.60 14.37
CA ASN A 147 0.37 6.03 13.66
C ASN A 147 -0.49 6.92 14.52
N ASP A 148 -0.68 8.15 14.06
CA ASP A 148 -1.37 9.21 14.82
C ASP A 148 -2.83 9.27 14.41
N GLY A 149 -3.70 8.67 15.24
CA GLY A 149 -5.16 8.61 15.00
C GLY A 149 -5.75 7.19 14.88
N PRO A 150 -5.35 6.43 13.85
CA PRO A 150 -4.44 6.87 12.83
C PRO A 150 -5.22 7.50 11.69
N VAL A 151 -4.52 7.97 10.68
CA VAL A 151 -5.19 8.50 9.51
C VAL A 151 -4.60 7.81 8.30
N THR A 152 -5.40 6.98 7.64
CA THR A 152 -4.95 6.31 6.43
C THR A 152 -5.75 6.84 5.25
N ILE A 153 -5.02 7.13 4.19
CA ILE A 153 -5.58 7.77 3.03
C ILE A 153 -5.01 7.06 1.82
N TYR A 154 -5.89 6.76 0.88
CA TYR A 154 -5.54 6.06 -0.36
C TYR A 154 -5.84 6.87 -1.61
N ILE A 155 -4.85 6.90 -2.51
CA ILE A 155 -5.06 7.51 -3.82
C ILE A 155 -4.47 6.64 -4.90
N ASP A 156 -5.31 6.26 -5.84
CA ASP A 156 -4.88 5.67 -7.09
C ASP A 156 -5.05 6.66 -8.23
N THR A 157 -3.94 7.25 -8.66
CA THR A 157 -3.92 8.32 -9.65
C THR A 157 -4.59 7.90 -10.94
N HIS A 158 -4.81 6.62 -11.12
CA HIS A 158 -5.46 6.16 -12.34
C HIS A 158 -6.99 6.28 -12.24
N ASP A 159 -7.49 7.04 -11.25
CA ASP A 159 -8.92 7.36 -11.15
C ASP A 159 -9.20 8.74 -11.76
N ILE A 160 -8.23 9.21 -12.55
CA ILE A 160 -8.38 10.37 -13.44
C ILE A 160 -7.71 10.07 -14.77
N MET B 1 -15.55 -2.64 0.29
CA MET B 1 -14.75 -2.54 1.53
C MET B 1 -13.30 -2.36 1.17
N ARG B 2 -12.64 -1.50 1.91
CA ARG B 2 -11.24 -1.25 1.62
C ARG B 2 -10.42 -1.70 2.77
N VAL B 3 -9.16 -2.03 2.48
CA VAL B 3 -8.24 -2.52 3.49
C VAL B 3 -6.81 -2.35 3.09
N VAL B 4 -6.03 -1.82 4.03
CA VAL B 4 -4.60 -1.81 3.92
C VAL B 4 -4.02 -2.87 4.84
N ILE B 5 -3.06 -3.62 4.29
CA ILE B 5 -2.43 -4.72 5.00
C ILE B 5 -0.94 -4.52 4.95
N GLN B 6 -0.37 -4.45 6.13
CA GLN B 6 1.04 -4.32 6.20
C GLN B 6 1.55 -5.42 7.06
N ARG B 7 2.59 -6.03 6.54
CA ARG B 7 3.33 -7.02 7.26
C ARG B 7 4.13 -6.29 8.34
N VAL B 8 4.26 -6.89 9.51
CA VAL B 8 4.90 -6.21 10.63
C VAL B 8 5.46 -7.16 11.65
N LYS B 9 6.62 -6.81 12.20
CA LYS B 9 7.25 -7.57 13.27
C LYS B 9 6.50 -7.45 14.57
N GLY B 10 5.67 -6.42 14.69
CA GLY B 10 4.93 -6.23 15.90
C GLY B 10 4.15 -4.94 15.80
N ALA B 11 3.32 -4.70 16.80
CA ALA B 11 2.55 -3.50 16.82
C ALA B 11 2.15 -3.20 18.23
N ILE B 12 1.97 -1.92 18.56
CA ILE B 12 1.43 -1.52 19.86
C ILE B 12 0.29 -0.54 19.65
N LEU B 13 -0.85 -0.83 20.27
CA LEU B 13 -2.00 0.04 20.13
C LEU B 13 -2.37 0.58 21.48
N SER B 14 -2.06 1.86 21.63
CA SER B 14 -2.26 2.61 22.87
C SER B 14 -3.42 3.57 22.66
N VAL B 15 -4.10 3.97 23.75
CA VAL B 15 -5.15 5.03 23.68
C VAL B 15 -4.95 6.17 24.68
N ARG B 16 -5.60 7.32 24.43
CA ARG B 16 -5.57 8.51 25.32
C ARG B 16 -6.49 8.43 26.58
N LEU B 27 -0.75 8.40 27.17
CA LEU B 27 -1.72 7.32 26.84
C LEU B 27 -1.49 5.94 27.46
N GLU B 28 -2.57 5.20 27.69
CA GLU B 28 -2.48 3.84 28.24
C GLU B 28 -2.86 2.77 27.21
N ILE B 29 -2.03 1.70 27.13
CA ILE B 29 -2.09 0.64 26.10
C ILE B 29 -3.36 -0.20 26.07
N ILE B 30 -3.64 -0.82 24.93
CA ILE B 30 -4.69 -1.83 24.87
C ILE B 30 -4.41 -3.08 24.01
N SER B 31 -3.39 -3.02 23.13
CA SER B 31 -3.10 -4.15 22.20
C SER B 31 -1.67 -4.29 21.75
N GLU B 32 -1.18 -5.52 21.82
CA GLU B 32 0.09 -5.86 21.22
C GLU B 32 -0.07 -7.01 20.25
N ILE B 33 0.79 -7.05 19.23
CA ILE B 33 1.04 -8.28 18.47
C ILE B 33 2.52 -8.37 18.14
N LYS B 34 3.06 -9.59 18.16
CA LYS B 34 4.39 -9.79 17.60
C LYS B 34 4.27 -9.90 16.07
N ASN B 35 4.83 -10.91 15.43
CA ASN B 35 4.78 -10.86 13.97
C ASN B 35 3.38 -10.95 13.40
N GLY B 36 3.24 -10.70 12.12
CA GLY B 36 1.92 -10.80 11.55
C GLY B 36 1.56 -9.59 10.74
N LEU B 37 0.29 -9.24 10.81
CA LEU B 37 -0.26 -8.23 9.94
C LEU B 37 -1.03 -7.21 10.73
N ILE B 38 -1.09 -6.00 10.18
CA ILE B 38 -2.02 -5.00 10.65
C ILE B 38 -2.87 -4.62 9.46
N CYS B 39 -4.15 -4.44 9.72
CA CYS B 39 -5.14 -4.15 8.69
C CYS B 39 -6.04 -3.00 9.09
N PHE B 40 -5.85 -1.89 8.40
CA PHE B 40 -6.79 -0.78 8.49
C PHE B 40 -7.89 -1.11 7.50
N LEU B 41 -9.11 -1.10 8.00
CA LEU B 41 -10.21 -1.63 7.26
C LEU B 41 -11.25 -0.56 7.20
N GLY B 42 -11.63 -0.20 5.98
CA GLY B 42 -12.72 0.72 5.82
C GLY B 42 -13.96 0.06 5.27
N ILE B 43 -15.06 0.23 6.00
CA ILE B 43 -16.35 -0.28 5.58
C ILE B 43 -17.05 0.81 4.76
N HIS B 44 -17.38 0.49 3.50
CA HIS B 44 -18.19 1.35 2.63
C HIS B 44 -19.67 1.24 3.00
N LYS B 45 -20.35 2.38 3.02
CA LYS B 45 -21.77 2.50 3.44
C LYS B 45 -22.71 1.35 3.01
N ASN B 46 -22.35 0.69 1.90
CA ASN B 46 -23.17 -0.34 1.28
C ASN B 46 -22.70 -1.79 1.42
N ASP B 47 -21.71 -2.04 2.27
CA ASP B 47 -21.00 -3.32 2.20
C ASP B 47 -21.87 -4.50 2.60
N THR B 48 -21.98 -5.50 1.71
CA THR B 48 -22.68 -6.71 2.06
C THR B 48 -21.76 -7.56 2.90
N TRP B 49 -22.34 -8.60 3.50
CA TRP B 49 -21.55 -9.55 4.21
C TRP B 49 -20.49 -10.17 3.31
N GLU B 50 -20.81 -10.36 2.04
CA GLU B 50 -19.79 -10.80 1.07
C GLU B 50 -18.54 -9.92 1.13
N ASP B 51 -18.77 -8.61 1.21
CA ASP B 51 -17.69 -7.62 1.16
C ASP B 51 -16.72 -7.87 2.31
N ALA B 52 -17.29 -8.23 3.46
CA ALA B 52 -16.53 -8.67 4.61
C ALA B 52 -15.69 -9.89 4.25
N LEU B 53 -16.34 -11.04 4.09
CA LEU B 53 -15.67 -12.31 3.79
C LEU B 53 -14.43 -12.21 2.89
N TYR B 54 -14.55 -11.42 1.83
CA TYR B 54 -13.49 -11.36 0.84
C TYR B 54 -12.29 -10.81 1.55
N ILE B 55 -12.52 -9.83 2.41
CA ILE B 55 -11.46 -9.20 3.17
C ILE B 55 -10.85 -10.23 4.09
N ILE B 56 -11.64 -10.69 5.04
CA ILE B 56 -11.22 -11.73 5.98
C ILE B 56 -10.48 -12.91 5.34
N ARG B 57 -11.11 -13.54 4.34
CA ARG B 57 -10.49 -14.60 3.53
C ARG B 57 -9.09 -14.20 3.05
N LYS B 58 -9.02 -13.07 2.36
CA LYS B 58 -7.79 -12.59 1.73
C LYS B 58 -6.76 -12.18 2.74
N CYS B 59 -7.22 -11.84 3.93
CA CYS B 59 -6.33 -11.43 5.01
C CYS B 59 -5.55 -12.60 5.58
N LEU B 60 -6.29 -13.62 6.01
CA LEU B 60 -5.66 -14.81 6.53
C LEU B 60 -4.86 -15.52 5.46
N ASN B 61 -5.44 -15.68 4.29
CA ASN B 61 -4.85 -16.55 3.30
C ASN B 61 -3.75 -15.99 2.40
N LEU B 62 -3.61 -14.67 2.36
CA LEU B 62 -2.53 -14.06 1.58
C LEU B 62 -1.16 -14.50 2.06
N ARG B 63 -0.42 -15.06 1.13
CA ARG B 63 0.84 -15.66 1.43
C ARG B 63 1.87 -14.59 1.27
N LEU B 64 2.26 -13.97 2.38
CA LEU B 64 3.09 -12.79 2.25
C LEU B 64 4.50 -12.96 2.80
N TRP B 65 4.76 -14.09 3.44
CA TRP B 65 6.09 -14.32 3.98
C TRP B 65 6.89 -15.28 3.14
N ASN B 66 8.12 -14.86 2.84
CA ASN B 66 9.15 -15.78 2.35
C ASN B 66 9.43 -16.83 3.36
N ASN B 67 9.36 -18.07 2.91
CA ASN B 67 9.54 -19.24 3.76
C ASN B 67 10.49 -20.19 3.04
N ASP B 68 11.72 -20.29 3.58
CA ASP B 68 12.82 -21.09 2.99
C ASP B 68 13.53 -20.38 1.87
N ASN B 69 13.76 -21.14 0.81
CA ASN B 69 14.21 -20.57 -0.44
C ASN B 69 13.01 -20.14 -1.31
N LYS B 70 11.80 -20.30 -0.77
CA LYS B 70 10.59 -19.75 -1.39
C LYS B 70 10.26 -18.33 -0.93
N THR B 71 9.79 -17.51 -1.87
CA THR B 71 9.29 -16.15 -1.60
C THR B 71 7.77 -16.06 -1.91
N TRP B 72 7.06 -15.16 -1.22
CA TRP B 72 5.58 -14.97 -1.41
C TRP B 72 4.88 -16.31 -1.39
N ASP B 73 5.02 -17.00 -0.26
CA ASP B 73 4.68 -18.41 -0.17
C ASP B 73 3.81 -18.77 1.04
N LYS B 74 4.16 -18.27 2.22
CA LYS B 74 3.42 -18.64 3.43
C LYS B 74 2.53 -17.54 3.98
N ASN B 75 1.31 -17.94 4.32
CA ASN B 75 0.33 -17.01 4.86
C ASN B 75 0.37 -16.89 6.38
N VAL B 76 -0.42 -15.95 6.88
CA VAL B 76 -0.45 -15.63 8.31
C VAL B 76 -0.90 -16.80 9.19
N LYS B 77 -1.82 -17.64 8.71
CA LYS B 77 -2.29 -18.73 9.55
C LYS B 77 -1.24 -19.81 9.65
N ASP B 78 -0.58 -20.08 8.52
CA ASP B 78 0.54 -21.05 8.47
C ASP B 78 1.56 -20.79 9.58
N LEU B 79 2.27 -19.66 9.52
CA LEU B 79 3.37 -19.38 10.45
C LEU B 79 2.87 -19.05 11.83
N ASN B 80 1.56 -19.05 11.98
CA ASN B 80 0.93 -18.90 13.27
C ASN B 80 1.17 -17.53 13.91
N TYR B 81 0.66 -16.52 13.22
CA TYR B 81 0.90 -15.13 13.53
C TYR B 81 -0.41 -14.42 13.82
N GLU B 82 -0.34 -13.19 14.33
CA GLU B 82 -1.56 -12.45 14.67
C GLU B 82 -2.00 -11.43 13.64
N LEU B 83 -3.21 -10.94 13.86
CA LEU B 83 -3.84 -9.90 13.05
C LEU B 83 -4.40 -8.87 13.99
N LEU B 84 -4.09 -7.61 13.73
CA LEU B 84 -4.65 -6.51 14.48
C LEU B 84 -5.54 -5.69 13.58
N ILE B 85 -6.79 -5.54 13.97
CA ILE B 85 -7.80 -5.03 13.06
C ILE B 85 -8.31 -3.67 13.49
N VAL B 86 -7.91 -2.65 12.73
CA VAL B 86 -8.10 -1.24 13.13
C VAL B 86 -9.09 -0.56 12.19
N SER B 87 -10.24 -0.18 12.71
CA SER B 87 -11.24 0.37 11.82
C SER B 87 -10.80 1.75 11.37
N GLN B 88 -10.90 2.02 10.08
CA GLN B 88 -10.31 3.25 9.51
C GLN B 88 -11.15 3.79 8.37
N PHE B 89 -12.09 4.67 8.69
CA PHE B 89 -12.99 5.24 7.69
C PHE B 89 -12.25 6.15 6.71
N THR B 90 -11.16 6.77 7.15
CA THR B 90 -10.48 7.79 6.37
C THR B 90 -10.02 7.25 5.00
N LEU B 91 -10.09 5.94 4.86
CA LEU B 91 -9.89 5.24 3.57
C LEU B 91 -10.93 5.62 2.49
N PHE B 92 -12.16 5.95 2.94
CA PHE B 92 -13.20 6.56 2.10
C PHE B 92 -13.13 8.07 2.25
N GLY B 93 -11.92 8.54 2.49
CA GLY B 93 -11.59 9.93 2.38
C GLY B 93 -11.47 10.19 0.91
N ASN B 94 -12.49 10.84 0.39
CA ASN B 94 -12.51 11.21 -1.00
C ASN B 94 -11.71 12.49 -1.12
N THR B 95 -10.64 12.44 -1.90
CA THR B 95 -9.64 13.51 -1.99
C THR B 95 -9.52 13.99 -3.41
N LYS B 96 -10.26 13.35 -4.30
CA LYS B 96 -10.24 13.59 -5.75
C LYS B 96 -10.39 15.06 -6.13
N LYS B 97 -11.34 15.74 -5.47
CA LYS B 97 -11.58 17.16 -5.72
C LYS B 97 -11.69 17.89 -4.37
N GLY B 98 -10.76 18.79 -4.09
CA GLY B 98 -10.65 19.39 -2.77
C GLY B 98 -9.45 18.84 -2.03
N ASN B 99 -9.02 19.53 -0.97
CA ASN B 99 -7.91 19.10 -0.10
C ASN B 99 -8.40 18.77 1.29
N LYS B 100 -9.65 19.11 1.53
CA LYS B 100 -10.39 18.63 2.69
C LYS B 100 -11.08 17.31 2.27
N PRO B 101 -10.63 16.19 2.87
CA PRO B 101 -11.07 14.82 2.56
C PRO B 101 -12.54 14.65 2.79
N ASP B 102 -13.19 13.82 1.98
CA ASP B 102 -14.66 13.72 1.93
C ASP B 102 -15.21 12.31 2.24
N PHE B 103 -15.74 12.13 3.44
CA PHE B 103 -16.10 10.80 3.93
C PHE B 103 -17.55 10.42 3.74
N HIS B 104 -18.10 10.71 2.57
CA HIS B 104 -19.54 10.51 2.37
C HIS B 104 -19.89 9.10 1.97
N LEU B 105 -18.90 8.40 1.42
CA LEU B 105 -19.06 6.99 1.10
C LEU B 105 -18.92 6.06 2.33
N ALA B 106 -18.52 6.63 3.48
CA ALA B 106 -18.32 5.86 4.73
C ALA B 106 -19.61 5.47 5.45
N LYS B 107 -19.60 4.35 6.16
CA LYS B 107 -20.77 3.92 6.90
C LYS B 107 -20.78 4.57 8.24
N GLU B 108 -21.98 4.96 8.62
CA GLU B 108 -22.26 5.59 9.89
C GLU B 108 -21.65 4.77 11.06
N PRO B 109 -20.97 5.43 11.99
CA PRO B 109 -20.31 4.74 13.11
C PRO B 109 -21.14 3.80 14.00
N ASN B 110 -22.47 3.92 14.01
CA ASN B 110 -23.29 2.98 14.80
C ASN B 110 -23.46 1.62 14.17
N GLU B 111 -23.80 1.60 12.88
CA GLU B 111 -23.83 0.36 12.12
C GLU B 111 -22.40 -0.12 11.88
N ALA B 112 -21.50 0.80 11.59
CA ALA B 112 -20.11 0.47 11.39
C ALA B 112 -19.60 -0.40 12.56
N LEU B 113 -19.90 0.01 13.79
CA LEU B 113 -19.48 -0.72 14.98
C LEU B 113 -19.85 -2.20 14.98
N ILE B 114 -21.09 -2.53 14.63
CA ILE B 114 -21.47 -3.94 14.58
C ILE B 114 -20.95 -4.70 13.35
N PHE B 115 -21.00 -4.08 12.18
CA PHE B 115 -20.38 -4.70 11.03
C PHE B 115 -18.88 -4.95 11.31
N TYR B 116 -18.29 -4.12 12.16
CA TYR B 116 -16.92 -4.33 12.52
C TYR B 116 -16.89 -5.46 13.51
N ASN B 117 -17.70 -5.37 14.55
CA ASN B 117 -17.86 -6.50 15.44
C ASN B 117 -18.01 -7.81 14.66
N LYS B 118 -19.11 -7.95 13.92
CA LYS B 118 -19.37 -9.16 13.18
C LYS B 118 -18.13 -9.64 12.45
N ILE B 119 -17.35 -8.71 11.91
CA ILE B 119 -16.14 -9.06 11.16
C ILE B 119 -15.08 -9.68 12.07
N ILE B 120 -14.92 -9.10 13.25
CA ILE B 120 -13.96 -9.59 14.24
C ILE B 120 -14.30 -11.01 14.67
N ASP B 121 -15.60 -11.27 14.88
CA ASP B 121 -16.12 -12.62 15.15
C ASP B 121 -15.62 -13.59 14.11
N GLU B 122 -16.04 -13.35 12.88
CA GLU B 122 -15.68 -14.18 11.75
C GLU B 122 -14.18 -14.45 11.66
N PHE B 123 -13.35 -13.43 11.91
CA PHE B 123 -11.90 -13.59 11.93
C PHE B 123 -11.50 -14.64 12.96
N LYS B 124 -11.93 -14.41 14.20
CA LYS B 124 -11.73 -15.35 15.26
C LYS B 124 -12.31 -16.69 14.83
N LYS B 125 -13.61 -16.70 14.55
CA LYS B 125 -14.33 -17.88 14.06
C LYS B 125 -13.59 -18.62 12.99
N GLN B 126 -12.67 -17.99 12.26
CA GLN B 126 -11.97 -18.66 11.16
C GLN B 126 -10.50 -18.90 11.39
N TYR B 127 -9.89 -18.19 12.31
CA TYR B 127 -8.47 -18.42 12.57
C TYR B 127 -8.33 -18.94 13.96
N ASN B 128 -8.37 -18.03 14.92
CA ASN B 128 -8.27 -18.39 16.32
C ASN B 128 -8.53 -17.18 17.22
N ASP B 129 -9.31 -17.43 18.26
CA ASP B 129 -9.73 -16.41 19.23
C ASP B 129 -8.57 -15.57 19.73
N ASP B 130 -7.47 -16.24 20.07
CA ASP B 130 -6.36 -15.55 20.64
C ASP B 130 -5.55 -14.76 19.61
N LYS B 131 -5.68 -15.10 18.34
CA LYS B 131 -4.84 -14.50 17.32
C LYS B 131 -5.32 -13.15 16.81
N ILE B 132 -6.60 -12.86 17.03
CA ILE B 132 -7.20 -11.61 16.56
C ILE B 132 -7.21 -10.54 17.67
N LYS B 133 -6.57 -9.40 17.36
CA LYS B 133 -6.47 -8.24 18.25
C LYS B 133 -7.12 -6.97 17.66
N ILE B 134 -7.61 -6.07 18.52
CA ILE B 134 -8.31 -4.89 18.02
C ILE B 134 -7.99 -3.55 18.71
N GLY B 135 -8.49 -2.47 18.10
CA GLY B 135 -8.48 -1.17 18.74
C GLY B 135 -9.80 -0.82 19.42
N LYS B 136 -9.91 0.42 19.90
CA LYS B 136 -11.16 0.88 20.42
C LYS B 136 -11.80 1.70 19.30
N PHE B 137 -12.87 1.15 18.71
CA PHE B 137 -13.53 1.73 17.56
C PHE B 137 -13.70 3.22 17.73
N GLY B 138 -13.44 3.97 16.66
CA GLY B 138 -13.71 5.42 16.62
C GLY B 138 -13.16 6.25 17.78
N ASN B 139 -12.08 5.79 18.40
CA ASN B 139 -11.42 6.55 19.42
C ASN B 139 -10.06 6.94 18.92
N TYR B 140 -9.61 8.14 19.26
CA TYR B 140 -8.22 8.47 18.98
C TYR B 140 -7.29 7.37 19.53
N MET B 141 -6.58 6.71 18.61
CA MET B 141 -5.64 5.63 18.92
C MET B 141 -4.23 5.98 18.47
N ASN B 142 -3.25 5.39 19.13
CA ASN B 142 -1.85 5.53 18.77
C ASN B 142 -1.25 4.14 18.58
N ILE B 143 -0.66 3.90 17.40
CA ILE B 143 -0.18 2.57 17.07
C ILE B 143 1.28 2.56 16.69
N ASP B 144 2.09 1.95 17.53
CA ASP B 144 3.47 1.76 17.14
C ASP B 144 3.51 0.50 16.30
N VAL B 145 4.03 0.64 15.09
CA VAL B 145 3.98 -0.44 14.12
C VAL B 145 5.38 -0.69 13.57
N THR B 146 5.85 -1.93 13.71
CA THR B 146 7.18 -2.26 13.19
C THR B 146 7.10 -2.85 11.79
N ASN B 147 7.00 -1.96 10.81
CA ASN B 147 6.93 -2.34 9.42
C ASN B 147 8.10 -3.20 8.88
N ASP B 148 7.82 -4.49 8.72
CA ASP B 148 8.76 -5.51 8.24
C ASP B 148 8.67 -5.62 6.73
N GLY B 149 9.73 -5.23 6.03
CA GLY B 149 9.70 -5.29 4.56
C GLY B 149 10.05 -3.98 3.86
N PRO B 150 9.07 -3.07 3.72
CA PRO B 150 7.73 -3.15 4.23
C PRO B 150 6.84 -3.85 3.21
N VAL B 151 5.60 -4.14 3.57
CA VAL B 151 4.75 -4.79 2.61
C VAL B 151 3.33 -4.29 2.78
N THR B 152 2.80 -3.76 1.70
CA THR B 152 1.55 -3.07 1.80
C THR B 152 0.63 -3.53 0.68
N ILE B 153 -0.64 -3.79 1.03
CA ILE B 153 -1.57 -4.32 0.04
C ILE B 153 -2.92 -3.66 0.16
N TYR B 154 -3.43 -3.22 -0.98
CA TYR B 154 -4.74 -2.61 -1.05
C TYR B 154 -5.67 -3.61 -1.66
N ILE B 155 -6.92 -3.57 -1.24
CA ILE B 155 -7.96 -4.36 -1.84
C ILE B 155 -9.19 -3.47 -1.77
N ASP B 156 -9.72 -3.08 -2.91
CA ASP B 156 -11.09 -2.57 -2.89
C ASP B 156 -12.00 -3.70 -3.36
N THR B 157 -12.86 -4.17 -2.48
CA THR B 157 -13.68 -5.32 -2.81
C THR B 157 -14.70 -5.01 -3.90
N HIS B 158 -14.60 -3.83 -4.49
CA HIS B 158 -15.56 -3.42 -5.51
C HIS B 158 -15.05 -3.62 -6.94
N ASP B 159 -13.77 -3.98 -7.07
CA ASP B 159 -13.16 -4.34 -8.38
C ASP B 159 -13.33 -5.82 -8.61
N ILE B 160 -13.80 -6.49 -7.57
CA ILE B 160 -14.06 -7.91 -7.61
C ILE B 160 -15.43 -8.07 -8.27
N ASN B 161 -15.61 -9.19 -8.99
CA ASN B 161 -16.81 -9.48 -9.80
C ASN B 161 -17.86 -10.37 -9.08
N MET C 1 -14.71 -57.33 6.54
CA MET C 1 -14.21 -56.80 5.23
C MET C 1 -14.30 -55.30 5.20
N ARG C 2 -13.13 -54.68 5.00
CA ARG C 2 -13.04 -53.21 5.02
C ARG C 2 -12.63 -52.60 3.68
N VAL C 3 -13.39 -51.61 3.22
CA VAL C 3 -12.96 -50.80 2.06
C VAL C 3 -12.81 -49.31 2.39
N VAL C 4 -11.92 -48.65 1.66
CA VAL C 4 -11.85 -47.22 1.67
C VAL C 4 -12.00 -46.74 0.25
N ILE C 5 -13.15 -46.18 -0.08
CA ILE C 5 -13.30 -45.56 -1.39
C ILE C 5 -12.69 -44.15 -1.42
N GLN C 6 -12.15 -43.76 -2.58
CA GLN C 6 -11.67 -42.40 -2.82
C GLN C 6 -11.96 -41.98 -4.25
N ARG C 7 -12.68 -40.88 -4.41
CA ARG C 7 -12.99 -40.41 -5.73
C ARG C 7 -11.72 -39.84 -6.32
N VAL C 8 -11.52 -40.12 -7.60
CA VAL C 8 -10.27 -39.80 -8.28
C VAL C 8 -10.51 -39.33 -9.70
N LYS C 9 -9.57 -38.53 -10.16
CA LYS C 9 -9.51 -38.02 -11.52
C LYS C 9 -8.36 -38.75 -12.23
N GLY C 10 -7.61 -39.53 -11.47
CA GLY C 10 -6.54 -40.33 -12.03
C GLY C 10 -5.90 -41.13 -10.93
N ALA C 11 -4.96 -41.98 -11.31
CA ALA C 11 -4.21 -42.78 -10.35
C ALA C 11 -3.24 -43.62 -11.13
N ILE C 12 -1.97 -43.57 -10.76
CA ILE C 12 -0.95 -44.26 -11.52
C ILE C 12 -0.17 -45.25 -10.64
N LEU C 13 -0.44 -46.54 -10.84
CA LEU C 13 0.20 -47.61 -10.07
C LEU C 13 1.52 -48.02 -10.68
N SER C 14 2.56 -48.18 -9.85
CA SER C 14 3.87 -48.55 -10.34
C SER C 14 4.70 -49.30 -9.31
N VAL C 15 5.42 -50.33 -9.72
CA VAL C 15 6.16 -51.20 -8.79
C VAL C 15 7.68 -51.06 -8.86
N ARG C 16 8.36 -51.58 -7.84
CA ARG C 16 9.82 -51.58 -7.78
C ARG C 16 10.35 -52.61 -8.81
N LYS C 17 11.11 -52.12 -9.81
CA LYS C 17 11.76 -52.97 -10.84
C LYS C 17 12.99 -53.73 -10.28
N GLU C 18 13.49 -54.75 -11.01
CA GLU C 18 14.68 -55.55 -10.63
C GLU C 18 15.97 -54.77 -10.36
N ASN C 19 17.01 -55.00 -11.16
CA ASN C 19 18.24 -54.21 -11.05
C ASN C 19 18.05 -52.90 -11.80
N ILE C 20 18.56 -51.80 -11.22
CA ILE C 20 18.44 -50.44 -11.83
C ILE C 20 19.79 -49.76 -12.07
N GLY C 21 20.05 -49.40 -13.32
CA GLY C 21 21.32 -48.81 -13.71
C GLY C 21 21.69 -47.46 -13.13
N GLU C 22 21.78 -47.41 -11.82
CA GLU C 22 22.22 -46.20 -11.12
C GLU C 22 21.42 -44.95 -11.41
N ASN C 23 20.94 -44.79 -12.63
CA ASN C 23 20.16 -43.60 -12.95
C ASN C 23 19.57 -43.61 -14.34
N GLU C 24 18.88 -44.69 -14.69
CA GLU C 24 18.66 -45.75 -13.76
C GLU C 24 17.36 -46.47 -14.01
N LYS C 25 16.31 -46.01 -13.34
CA LYS C 25 15.01 -46.66 -13.38
C LYS C 25 14.07 -46.36 -12.23
N GLU C 26 14.25 -47.04 -11.10
CA GLU C 26 13.36 -46.89 -9.93
C GLU C 26 12.05 -47.66 -10.03
N LEU C 27 11.01 -46.99 -10.54
CA LEU C 27 9.68 -47.58 -10.59
C LEU C 27 9.19 -47.78 -12.03
N GLU C 28 8.35 -48.78 -12.24
CA GLU C 28 7.81 -49.02 -13.59
C GLU C 28 6.29 -48.99 -13.52
N ILE C 29 5.63 -48.22 -14.38
CA ILE C 29 4.18 -48.15 -14.29
C ILE C 29 3.63 -49.46 -14.77
N ILE C 30 2.84 -50.11 -13.93
CA ILE C 30 2.17 -51.32 -14.38
C ILE C 30 0.67 -51.13 -14.69
N SER C 31 0.00 -50.20 -14.01
CA SER C 31 -1.45 -50.07 -14.12
C SER C 31 -1.91 -48.65 -13.86
N GLU C 32 -2.89 -48.19 -14.64
CA GLU C 32 -3.29 -46.78 -14.62
C GLU C 32 -4.82 -46.62 -14.62
N ILE C 33 -5.35 -45.49 -14.11
CA ILE C 33 -6.75 -45.06 -14.42
C ILE C 33 -6.96 -43.55 -14.56
N LYS C 34 -8.15 -43.19 -15.09
CA LYS C 34 -8.57 -41.80 -15.29
C LYS C 34 -9.51 -41.47 -14.17
N ASN C 35 -10.58 -40.72 -14.44
CA ASN C 35 -11.61 -40.53 -13.41
C ASN C 35 -12.08 -41.90 -13.03
N GLY C 36 -12.44 -42.01 -11.76
CA GLY C 36 -12.93 -43.25 -11.26
C GLY C 36 -12.72 -43.37 -9.77
N LEU C 37 -12.29 -44.57 -9.38
CA LEU C 37 -12.23 -44.95 -7.98
C LEU C 37 -11.00 -45.71 -7.63
N ILE C 38 -10.53 -45.50 -6.42
CA ILE C 38 -9.48 -46.31 -5.87
C ILE C 38 -10.06 -46.86 -4.58
N CYS C 39 -10.36 -48.16 -4.59
CA CYS C 39 -10.92 -48.82 -3.43
C CYS C 39 -9.82 -49.63 -2.80
N PHE C 40 -9.47 -49.24 -1.59
CA PHE C 40 -8.43 -49.92 -0.87
C PHE C 40 -9.09 -51.02 -0.12
N LEU C 41 -8.66 -52.24 -0.42
CA LEU C 41 -9.37 -53.41 0.05
C LEU C 41 -8.56 -54.29 0.95
N GLY C 42 -9.09 -54.50 2.15
CA GLY C 42 -8.48 -55.34 3.16
C GLY C 42 -9.44 -56.40 3.67
N ILE C 43 -9.03 -57.66 3.57
CA ILE C 43 -9.89 -58.80 3.88
C ILE C 43 -9.63 -59.39 5.27
N HIS C 44 -10.73 -59.62 6.00
CA HIS C 44 -10.74 -60.20 7.34
C HIS C 44 -10.68 -61.71 7.27
N LYS C 45 -9.94 -62.33 8.18
CA LYS C 45 -9.87 -63.79 8.23
C LYS C 45 -11.18 -64.51 8.54
N ASN C 46 -12.28 -63.76 8.56
CA ASN C 46 -13.59 -64.34 8.71
C ASN C 46 -14.50 -63.84 7.64
N ASP C 47 -13.89 -63.27 6.61
CA ASP C 47 -14.67 -62.68 5.54
C ASP C 47 -15.33 -63.79 4.73
N THR C 48 -16.65 -63.64 4.51
CA THR C 48 -17.44 -64.57 3.71
C THR C 48 -17.88 -63.87 2.45
N TRP C 49 -17.95 -64.58 1.33
CA TRP C 49 -18.32 -64.03 0.01
C TRP C 49 -19.53 -63.08 0.05
N GLU C 50 -20.33 -63.19 1.12
CA GLU C 50 -21.37 -62.19 1.39
C GLU C 50 -20.76 -60.80 1.42
N ASP C 51 -19.75 -60.64 2.28
CA ASP C 51 -18.89 -59.47 2.34
C ASP C 51 -18.48 -59.04 0.94
N ALA C 52 -17.62 -59.83 0.31
CA ALA C 52 -17.11 -59.50 -1.01
C ALA C 52 -18.18 -58.93 -1.94
N LEU C 53 -19.39 -59.46 -1.83
CA LEU C 53 -20.47 -59.01 -2.70
C LEU C 53 -20.98 -57.63 -2.33
N TYR C 54 -21.27 -57.43 -1.05
CA TYR C 54 -21.75 -56.15 -0.56
C TYR C 54 -20.89 -55.02 -1.13
N ILE C 55 -19.60 -55.10 -0.84
CA ILE C 55 -18.58 -54.18 -1.33
C ILE C 55 -18.64 -54.01 -2.84
N ILE C 56 -18.46 -55.10 -3.58
CA ILE C 56 -18.46 -55.03 -5.04
C ILE C 56 -19.61 -54.20 -5.58
N ARG C 57 -20.84 -54.48 -5.13
CA ARG C 57 -22.02 -53.72 -5.60
C ARG C 57 -21.88 -52.27 -5.23
N LYS C 58 -21.75 -52.00 -3.93
CA LYS C 58 -21.61 -50.65 -3.43
C LYS C 58 -20.61 -49.89 -4.30
N CYS C 59 -19.35 -50.32 -4.29
CA CYS C 59 -18.32 -49.68 -5.08
C CYS C 59 -18.85 -49.32 -6.46
N LEU C 60 -19.43 -50.30 -7.13
CA LEU C 60 -19.91 -50.12 -8.49
C LEU C 60 -21.08 -49.15 -8.56
N ASN C 61 -21.94 -49.21 -7.56
CA ASN C 61 -23.25 -48.59 -7.64
C ASN C 61 -23.42 -47.32 -6.82
N LEU C 62 -22.50 -47.08 -5.88
CA LEU C 62 -22.57 -45.88 -5.06
C LEU C 62 -22.48 -44.63 -5.90
N ARG C 63 -23.54 -43.83 -5.82
CA ARG C 63 -23.70 -42.61 -6.61
C ARG C 63 -22.93 -41.44 -5.98
N LEU C 64 -21.72 -41.23 -6.48
CA LEU C 64 -20.77 -40.34 -5.82
C LEU C 64 -20.42 -39.16 -6.69
N TRP C 65 -20.43 -39.34 -8.00
CA TRP C 65 -20.21 -38.21 -8.87
C TRP C 65 -21.45 -37.36 -8.95
N ASN C 66 -21.22 -36.08 -9.24
CA ASN C 66 -22.26 -35.12 -9.48
C ASN C 66 -22.55 -35.09 -10.97
N ASN C 67 -23.64 -35.74 -11.35
CA ASN C 67 -24.24 -35.54 -12.65
C ASN C 67 -24.94 -34.18 -12.60
N ASP C 68 -24.79 -33.41 -13.68
CA ASP C 68 -25.23 -32.02 -13.78
C ASP C 68 -26.62 -31.76 -13.21
N ASN C 69 -26.74 -30.72 -12.36
CA ASN C 69 -27.99 -30.33 -11.71
C ASN C 69 -28.12 -31.01 -10.35
N LYS C 70 -28.18 -32.34 -10.34
CA LYS C 70 -28.33 -33.11 -9.10
C LYS C 70 -26.97 -33.51 -8.55
N THR C 71 -26.85 -33.55 -7.22
CA THR C 71 -25.61 -34.00 -6.59
C THR C 71 -25.73 -35.48 -6.25
N TRP C 72 -24.62 -36.07 -5.78
CA TRP C 72 -24.53 -37.50 -5.45
C TRP C 72 -25.49 -38.31 -6.31
N ASP C 73 -25.31 -38.17 -7.61
CA ASP C 73 -26.29 -38.67 -8.55
C ASP C 73 -25.83 -39.96 -9.25
N LYS C 74 -24.68 -39.89 -9.93
CA LYS C 74 -24.22 -41.01 -10.74
C LYS C 74 -23.10 -41.80 -10.08
N ASN C 75 -23.05 -43.09 -10.43
CA ASN C 75 -22.00 -44.00 -10.00
C ASN C 75 -21.01 -44.30 -11.11
N VAL C 76 -19.94 -45.00 -10.73
CA VAL C 76 -18.78 -45.25 -11.58
C VAL C 76 -19.12 -45.66 -13.01
N LYS C 77 -20.08 -46.58 -13.13
CA LYS C 77 -20.37 -47.25 -14.40
C LYS C 77 -21.25 -46.42 -15.32
N ASP C 78 -22.18 -45.67 -14.70
CA ASP C 78 -23.04 -44.72 -15.40
C ASP C 78 -22.17 -43.82 -16.24
N LEU C 79 -21.15 -43.28 -15.57
CA LEU C 79 -20.29 -42.33 -16.18
C LEU C 79 -19.15 -42.99 -16.92
N ASN C 80 -19.05 -44.31 -16.76
CA ASN C 80 -18.11 -45.10 -17.52
C ASN C 80 -16.66 -44.82 -17.08
N TYR C 81 -16.47 -44.63 -15.78
CA TYR C 81 -15.16 -44.41 -15.20
C TYR C 81 -14.53 -45.69 -14.67
N GLU C 82 -13.22 -45.68 -14.48
CA GLU C 82 -12.51 -46.90 -14.08
C GLU C 82 -12.42 -47.07 -12.58
N LEU C 83 -11.91 -48.22 -12.16
CA LEU C 83 -11.69 -48.53 -10.75
C LEU C 83 -10.39 -49.24 -10.57
N LEU C 84 -9.72 -48.99 -9.45
CA LEU C 84 -8.40 -49.49 -9.19
C LEU C 84 -8.44 -50.09 -7.82
N ILE C 85 -8.15 -51.37 -7.75
CA ILE C 85 -8.51 -52.15 -6.59
C ILE C 85 -7.23 -52.70 -6.00
N VAL C 86 -7.00 -52.45 -4.72
CA VAL C 86 -5.70 -52.69 -4.12
C VAL C 86 -5.87 -53.37 -2.75
N SER C 87 -5.05 -54.39 -2.51
CA SER C 87 -5.08 -55.12 -1.25
C SER C 87 -4.47 -54.26 -0.17
N GLN C 88 -5.16 -54.17 0.95
CA GLN C 88 -4.69 -53.40 2.08
C GLN C 88 -4.93 -54.20 3.32
N PHE C 89 -3.92 -54.92 3.79
CA PHE C 89 -4.15 -55.61 5.04
C PHE C 89 -4.28 -54.62 6.19
N THR C 90 -3.49 -53.55 6.10
CA THR C 90 -3.42 -52.53 7.13
C THR C 90 -4.78 -51.97 7.59
N LEU C 91 -5.84 -52.12 6.79
CA LEU C 91 -7.18 -51.66 7.22
C LEU C 91 -7.60 -52.41 8.47
N PHE C 92 -6.89 -53.50 8.77
CA PHE C 92 -7.15 -54.34 9.94
C PHE C 92 -6.00 -54.22 10.91
N GLY C 93 -5.36 -53.06 10.86
CA GLY C 93 -4.53 -52.61 11.93
C GLY C 93 -5.39 -52.41 13.16
N ASN C 94 -4.95 -52.99 14.27
CA ASN C 94 -5.43 -52.59 15.57
C ASN C 94 -4.44 -51.55 16.09
N THR C 95 -4.99 -50.42 16.49
CA THR C 95 -4.18 -49.27 16.91
C THR C 95 -4.34 -49.14 18.42
N LYS C 96 -5.56 -49.46 18.88
CA LYS C 96 -5.98 -49.46 20.30
C LYS C 96 -4.95 -50.02 21.27
N LYS C 97 -4.16 -50.99 20.81
CA LYS C 97 -3.15 -51.62 21.65
C LYS C 97 -2.04 -50.63 21.99
N GLY C 98 -0.97 -50.59 21.19
CA GLY C 98 0.16 -49.68 21.44
C GLY C 98 0.32 -48.66 20.32
N ASN C 99 1.57 -48.19 20.12
CA ASN C 99 1.92 -47.33 18.93
C ASN C 99 2.55 -48.14 17.77
N LYS C 100 2.27 -49.43 17.83
CA LYS C 100 2.56 -50.40 16.80
C LYS C 100 1.29 -51.21 16.57
N PRO C 101 0.78 -51.22 15.35
CA PRO C 101 -0.50 -51.87 15.08
C PRO C 101 -0.33 -53.36 14.87
N ASP C 102 -1.39 -54.13 15.11
CA ASP C 102 -1.28 -55.56 14.88
C ASP C 102 -2.45 -56.11 14.09
N PHE C 103 -2.09 -56.94 13.12
CA PHE C 103 -2.98 -57.37 12.06
C PHE C 103 -3.39 -58.83 12.26
N HIS C 104 -3.22 -59.32 13.51
CA HIS C 104 -3.54 -60.70 13.96
C HIS C 104 -4.74 -61.27 13.21
N LEU C 105 -5.63 -60.36 12.83
CA LEU C 105 -6.98 -60.72 12.44
C LEU C 105 -7.33 -60.29 11.01
N ALA C 106 -6.30 -60.17 10.18
CA ALA C 106 -6.50 -60.05 8.73
C ALA C 106 -6.27 -61.44 8.10
N LYS C 107 -7.11 -61.82 7.15
CA LYS C 107 -6.93 -63.07 6.42
C LYS C 107 -5.52 -63.15 5.87
N GLU C 108 -4.88 -64.30 6.10
CA GLU C 108 -3.45 -64.52 5.79
C GLU C 108 -3.03 -64.36 4.29
N PRO C 109 -1.81 -63.85 4.03
CA PRO C 109 -1.27 -63.75 2.67
C PRO C 109 -1.64 -64.88 1.66
N ASN C 110 -1.37 -66.14 1.99
CA ASN C 110 -1.51 -67.22 0.98
C ASN C 110 -2.94 -67.47 0.58
N GLU C 111 -3.85 -67.20 1.52
CA GLU C 111 -5.29 -67.42 1.34
C GLU C 111 -6.09 -66.18 0.93
N ALA C 112 -5.77 -65.05 1.55
CA ALA C 112 -6.36 -63.78 1.16
C ALA C 112 -6.23 -63.58 -0.35
N LEU C 113 -5.07 -63.93 -0.90
CA LEU C 113 -4.78 -63.72 -2.32
C LEU C 113 -5.83 -64.30 -3.22
N ILE C 114 -6.20 -65.54 -2.95
CA ILE C 114 -7.21 -66.26 -3.72
C ILE C 114 -8.55 -65.50 -3.76
N PHE C 115 -8.95 -65.01 -2.58
CA PHE C 115 -10.17 -64.25 -2.39
C PHE C 115 -10.20 -62.95 -3.17
N TYR C 116 -9.07 -62.26 -3.18
CA TYR C 116 -8.91 -60.99 -3.89
C TYR C 116 -9.14 -61.17 -5.36
N ASN C 117 -8.56 -62.24 -5.91
CA ASN C 117 -8.66 -62.52 -7.34
C ASN C 117 -10.10 -62.87 -7.68
N LYS C 118 -10.74 -63.60 -6.77
CA LYS C 118 -12.14 -63.92 -6.91
C LYS C 118 -12.87 -62.61 -7.02
N ILE C 119 -12.67 -61.78 -6.01
CA ILE C 119 -13.27 -60.47 -5.96
C ILE C 119 -12.96 -59.76 -7.25
N ILE C 120 -11.69 -59.72 -7.63
CA ILE C 120 -11.31 -59.03 -8.88
C ILE C 120 -12.14 -59.57 -10.02
N ASP C 121 -12.19 -60.90 -10.13
CA ASP C 121 -12.85 -61.54 -11.26
C ASP C 121 -14.33 -61.28 -11.25
N GLU C 122 -14.83 -61.09 -10.05
CA GLU C 122 -16.22 -60.77 -9.84
C GLU C 122 -16.55 -59.26 -10.00
N PHE C 123 -15.55 -58.38 -9.86
CA PHE C 123 -15.74 -56.97 -10.23
C PHE C 123 -15.91 -56.91 -11.73
N LYS C 124 -14.83 -57.28 -12.42
CA LYS C 124 -14.81 -57.50 -13.85
C LYS C 124 -16.15 -58.02 -14.37
N LYS C 125 -16.64 -59.10 -13.75
CA LYS C 125 -17.90 -59.75 -14.16
C LYS C 125 -19.16 -58.91 -13.97
N GLN C 126 -19.19 -58.08 -12.94
CA GLN C 126 -20.35 -57.20 -12.71
C GLN C 126 -20.33 -55.87 -13.51
N TYR C 127 -19.16 -55.24 -13.63
CA TYR C 127 -18.96 -54.11 -14.55
C TYR C 127 -18.47 -54.68 -15.89
N ASN C 128 -17.17 -54.62 -16.10
CA ASN C 128 -16.55 -54.94 -17.38
C ASN C 128 -15.04 -55.00 -17.17
N ASP C 129 -14.50 -56.22 -17.25
CA ASP C 129 -13.06 -56.50 -17.17
C ASP C 129 -12.10 -55.37 -17.58
N ASP C 130 -12.54 -54.55 -18.54
CA ASP C 130 -11.69 -53.53 -19.10
C ASP C 130 -11.63 -52.26 -18.25
N LYS C 131 -12.69 -51.98 -17.49
CA LYS C 131 -12.71 -50.83 -16.61
C LYS C 131 -12.43 -51.26 -15.15
N ILE C 132 -11.50 -52.20 -14.98
CA ILE C 132 -11.13 -52.74 -13.66
C ILE C 132 -9.63 -53.01 -13.68
N LYS C 133 -8.86 -52.26 -12.87
CA LYS C 133 -7.41 -52.44 -12.84
C LYS C 133 -6.90 -52.86 -11.47
N ILE C 134 -5.68 -53.39 -11.43
CA ILE C 134 -5.10 -53.83 -10.16
C ILE C 134 -3.59 -53.66 -10.16
N GLY C 135 -2.96 -54.14 -9.09
CA GLY C 135 -1.49 -54.12 -8.95
C GLY C 135 -0.90 -55.40 -8.37
N LYS C 136 0.42 -55.43 -8.22
CA LYS C 136 1.10 -56.62 -7.72
C LYS C 136 0.78 -56.86 -6.24
N PHE C 137 -0.37 -57.49 -6.03
CA PHE C 137 -0.87 -57.90 -4.75
C PHE C 137 0.10 -57.79 -3.57
N GLY C 138 1.09 -58.68 -3.54
CA GLY C 138 1.91 -58.83 -2.34
C GLY C 138 3.05 -57.84 -2.22
N ASN C 139 3.31 -57.11 -3.30
CA ASN C 139 4.47 -56.23 -3.41
C ASN C 139 4.29 -54.81 -2.87
N TYR C 140 5.42 -54.18 -2.59
CA TYR C 140 5.46 -52.74 -2.41
C TYR C 140 5.02 -52.01 -3.66
N MET C 141 3.99 -51.18 -3.51
CA MET C 141 3.50 -50.34 -4.57
C MET C 141 3.65 -48.87 -4.26
N ASN C 142 3.52 -48.12 -5.33
CA ASN C 142 3.49 -46.69 -5.33
C ASN C 142 2.22 -46.30 -6.08
N ILE C 143 1.40 -45.42 -5.52
CA ILE C 143 0.24 -44.94 -6.28
C ILE C 143 0.07 -43.42 -6.30
N ASP C 144 0.16 -42.86 -7.49
CA ASP C 144 -0.13 -41.47 -7.69
C ASP C 144 -1.62 -41.33 -7.94
N VAL C 145 -2.30 -40.77 -6.96
CA VAL C 145 -3.74 -40.68 -7.00
C VAL C 145 -4.07 -39.22 -7.06
N THR C 146 -4.88 -38.81 -8.03
CA THR C 146 -5.31 -37.43 -8.03
C THR C 146 -6.62 -37.34 -7.28
N ASN C 147 -6.54 -37.28 -5.94
CA ASN C 147 -7.71 -37.25 -5.07
C ASN C 147 -8.62 -36.10 -5.49
N ASP C 148 -9.89 -36.40 -5.75
CA ASP C 148 -10.81 -35.44 -6.39
C ASP C 148 -11.91 -34.95 -5.46
N GLY C 149 -11.63 -33.81 -4.84
CA GLY C 149 -12.51 -33.18 -3.84
C GLY C 149 -11.82 -33.02 -2.50
N PRO C 150 -11.60 -34.14 -1.81
CA PRO C 150 -11.90 -35.47 -2.33
C PRO C 150 -13.30 -35.92 -2.00
N VAL C 151 -13.52 -37.22 -2.12
CA VAL C 151 -14.62 -37.89 -1.47
C VAL C 151 -13.94 -39.11 -0.87
N THR C 152 -14.32 -39.46 0.33
CA THR C 152 -13.68 -40.55 1.02
C THR C 152 -14.73 -41.32 1.79
N ILE C 153 -15.12 -42.45 1.21
CA ILE C 153 -16.17 -43.27 1.81
C ILE C 153 -15.57 -44.44 2.56
N TYR C 154 -16.17 -44.81 3.69
CA TYR C 154 -15.74 -45.97 4.47
C TYR C 154 -16.85 -46.99 4.74
N ILE C 155 -16.67 -48.20 4.22
CA ILE C 155 -17.60 -49.32 4.42
C ILE C 155 -16.95 -50.50 5.17
N ASP C 156 -17.65 -51.01 6.18
CA ASP C 156 -17.17 -52.15 6.92
C ASP C 156 -18.25 -53.18 7.16
N THR C 157 -18.56 -53.97 6.14
CA THR C 157 -19.52 -55.08 6.24
C THR C 157 -19.87 -55.54 7.66
N HIS C 158 -18.85 -55.79 8.49
CA HIS C 158 -19.07 -56.36 9.83
C HIS C 158 -19.90 -55.47 10.75
N ASP C 159 -20.73 -54.67 10.08
CA ASP C 159 -21.71 -53.79 10.66
C ASP C 159 -23.09 -54.16 10.16
N ILE C 160 -23.18 -54.56 8.89
CA ILE C 160 -24.47 -54.92 8.27
C ILE C 160 -24.53 -56.38 7.77
N MET D 1 -15.72 -39.87 15.52
CA MET D 1 -14.55 -39.16 14.92
C MET D 1 -13.72 -40.16 14.17
N ARG D 2 -13.31 -39.78 12.95
CA ARG D 2 -12.72 -40.73 12.00
C ARG D 2 -11.57 -40.13 11.18
N VAL D 3 -10.36 -40.64 11.42
CA VAL D 3 -9.19 -40.34 10.61
C VAL D 3 -8.89 -41.54 9.71
N VAL D 4 -8.62 -41.29 8.43
CA VAL D 4 -8.06 -42.29 7.54
C VAL D 4 -6.66 -41.86 7.13
N ILE D 5 -5.66 -42.49 7.73
CA ILE D 5 -4.25 -42.10 7.57
C ILE D 5 -3.60 -42.81 6.40
N GLN D 6 -2.71 -42.13 5.70
CA GLN D 6 -2.07 -42.76 4.55
C GLN D 6 -0.59 -42.43 4.46
N ARG D 7 0.25 -43.45 4.31
CA ARG D 7 1.66 -43.20 4.18
C ARG D 7 1.95 -42.59 2.83
N VAL D 8 2.85 -41.60 2.82
CA VAL D 8 3.19 -40.87 1.61
C VAL D 8 4.68 -40.54 1.45
N LYS D 9 4.99 -40.21 0.20
CA LYS D 9 6.25 -39.62 -0.18
C LYS D 9 5.94 -38.19 -0.62
N GLY D 10 4.65 -37.82 -0.61
CA GLY D 10 4.20 -36.46 -0.92
C GLY D 10 2.72 -36.21 -1.23
N ALA D 11 2.26 -34.99 -0.94
CA ALA D 11 0.90 -34.55 -1.23
C ALA D 11 0.94 -33.10 -1.67
N ILE D 12 0.02 -32.73 -2.55
CA ILE D 12 -0.06 -31.37 -3.07
C ILE D 12 -1.54 -30.96 -3.17
N LEU D 13 -1.96 -30.12 -2.22
CA LEU D 13 -3.35 -29.71 -2.20
C LEU D 13 -3.57 -28.58 -3.18
N SER D 14 -4.80 -28.46 -3.65
CA SER D 14 -5.16 -27.35 -4.51
C SER D 14 -6.61 -26.96 -4.31
N VAL D 15 -6.89 -25.69 -4.56
CA VAL D 15 -8.26 -25.19 -4.59
C VAL D 15 -8.46 -24.48 -5.91
N ARG D 16 -9.73 -24.40 -6.33
CA ARG D 16 -10.13 -23.90 -7.66
C ARG D 16 -9.61 -22.51 -8.05
N LYS D 17 -9.99 -21.48 -7.28
CA LYS D 17 -9.79 -20.08 -7.64
C LYS D 17 -10.53 -19.78 -8.94
N GLU D 26 -9.08 -24.58 -14.07
CA GLU D 26 -7.79 -24.13 -13.54
C GLU D 26 -7.80 -24.06 -12.01
N LEU D 27 -6.67 -24.43 -11.41
CA LEU D 27 -6.52 -24.60 -9.96
C LEU D 27 -5.28 -23.89 -9.48
N GLU D 28 -5.11 -23.85 -8.17
CA GLU D 28 -3.94 -23.23 -7.57
C GLU D 28 -3.52 -24.00 -6.34
N ILE D 29 -2.22 -24.24 -6.23
CA ILE D 29 -1.62 -24.92 -5.09
C ILE D 29 -1.79 -24.08 -3.84
N ILE D 30 -1.59 -24.68 -2.67
CA ILE D 30 -1.61 -23.93 -1.42
C ILE D 30 -0.76 -24.66 -0.39
N SER D 31 -0.62 -25.98 -0.59
CA SER D 31 0.04 -26.87 0.37
C SER D 31 0.81 -27.96 -0.32
N GLU D 32 1.92 -28.31 0.31
CA GLU D 32 2.81 -29.34 -0.14
C GLU D 32 3.47 -30.04 1.03
N ILE D 33 3.50 -31.36 0.97
CA ILE D 33 4.32 -32.11 1.90
C ILE D 33 5.13 -33.10 1.08
N LYS D 34 6.26 -33.50 1.65
CA LYS D 34 6.97 -34.65 1.14
C LYS D 34 6.54 -35.88 1.92
N ASN D 35 7.50 -36.73 2.28
CA ASN D 35 7.18 -37.91 3.07
C ASN D 35 6.49 -37.55 4.38
N GLY D 36 5.47 -38.32 4.73
CA GLY D 36 4.73 -38.13 5.96
C GLY D 36 3.40 -38.82 5.89
N LEU D 37 2.36 -38.12 6.34
CA LEU D 37 1.00 -38.68 6.33
C LEU D 37 -0.01 -37.68 5.79
N ILE D 38 -1.01 -38.19 5.08
CA ILE D 38 -2.22 -37.44 4.82
C ILE D 38 -3.35 -38.05 5.63
N CYS D 39 -3.78 -37.35 6.68
CA CYS D 39 -4.86 -37.82 7.53
C CYS D 39 -6.15 -37.26 6.99
N PHE D 40 -7.05 -38.15 6.57
CA PHE D 40 -8.37 -37.68 6.21
C PHE D 40 -9.14 -37.66 7.50
N LEU D 41 -9.99 -36.64 7.66
CA LEU D 41 -10.63 -36.37 8.95
C LEU D 41 -12.11 -35.98 8.94
N GLY D 42 -12.89 -36.76 9.70
CA GLY D 42 -14.33 -36.56 9.80
C GLY D 42 -14.75 -36.31 11.22
N ILE D 43 -15.26 -35.12 11.48
CA ILE D 43 -15.73 -34.79 12.81
C ILE D 43 -17.20 -35.14 12.92
N HIS D 44 -17.55 -35.73 14.04
CA HIS D 44 -18.86 -36.26 14.28
C HIS D 44 -19.64 -35.38 15.25
N LYS D 45 -20.94 -35.30 14.99
CA LYS D 45 -21.86 -34.45 15.74
C LYS D 45 -21.47 -34.31 17.21
N ASN D 46 -21.16 -35.43 17.85
CA ASN D 46 -21.01 -35.44 19.30
C ASN D 46 -19.60 -35.72 19.70
N ASP D 47 -18.68 -35.39 18.81
CA ASP D 47 -17.27 -35.49 19.13
C ASP D 47 -16.94 -34.50 20.21
N THR D 48 -16.12 -34.94 21.15
CA THR D 48 -15.69 -34.06 22.22
C THR D 48 -14.19 -34.18 22.41
N TRP D 49 -13.50 -33.06 22.28
CA TRP D 49 -12.06 -32.92 22.54
C TRP D 49 -11.26 -34.14 23.06
N GLU D 50 -11.90 -35.03 23.80
CA GLU D 50 -11.22 -36.31 24.10
C GLU D 50 -10.87 -36.98 22.76
N ASP D 51 -11.89 -37.20 21.92
CA ASP D 51 -11.74 -37.78 20.57
C ASP D 51 -10.56 -37.16 19.85
N ALA D 52 -10.67 -35.87 19.58
CA ALA D 52 -9.55 -35.13 19.01
C ALA D 52 -8.23 -35.48 19.73
N LEU D 53 -8.13 -35.19 21.02
CA LEU D 53 -6.92 -35.52 21.76
C LEU D 53 -6.28 -36.80 21.22
N TYR D 54 -7.12 -37.80 20.99
CA TYR D 54 -6.66 -39.13 20.66
C TYR D 54 -6.09 -39.21 19.24
N ILE D 55 -6.95 -38.94 18.25
CA ILE D 55 -6.58 -38.88 16.83
C ILE D 55 -5.19 -38.28 16.69
N ILE D 56 -5.05 -37.06 17.19
CA ILE D 56 -3.76 -36.42 17.23
C ILE D 56 -2.71 -37.38 17.80
N ARG D 57 -3.00 -37.98 18.96
CA ARG D 57 -1.99 -38.81 19.61
C ARG D 57 -1.65 -40.07 18.82
N LYS D 58 -2.58 -40.58 18.02
CA LYS D 58 -2.22 -41.69 17.12
C LYS D 58 -1.50 -41.19 15.88
N CYS D 59 -2.14 -40.28 15.13
CA CYS D 59 -1.49 -39.61 13.98
C CYS D 59 0.01 -39.32 14.19
N LEU D 60 0.39 -38.60 15.22
CA LEU D 60 1.81 -38.32 15.39
C LEU D 60 2.62 -39.52 15.86
N ASN D 61 1.99 -40.40 16.61
CA ASN D 61 2.78 -41.38 17.34
C ASN D 61 2.79 -42.76 16.78
N LEU D 62 1.73 -43.15 16.08
CA LEU D 62 1.72 -44.41 15.37
C LEU D 62 3.00 -44.53 14.62
N ARG D 63 3.58 -45.72 14.66
CA ARG D 63 4.87 -45.93 14.04
C ARG D 63 4.73 -46.74 12.75
N LEU D 64 4.72 -46.05 11.61
CA LEU D 64 4.33 -46.66 10.32
C LEU D 64 5.42 -46.80 9.23
N TRP D 65 6.66 -46.47 9.54
CA TRP D 65 7.71 -46.61 8.57
C TRP D 65 8.64 -47.72 9.02
N ASN D 66 9.42 -48.30 8.11
CA ASN D 66 10.40 -49.31 8.51
C ASN D 66 11.61 -48.66 9.14
N ASN D 67 12.55 -49.49 9.55
CA ASN D 67 13.88 -49.07 9.93
C ASN D 67 14.78 -50.25 9.66
N ASP D 68 15.71 -50.04 8.72
CA ASP D 68 16.54 -51.08 8.18
C ASP D 68 15.69 -52.29 7.97
N ASN D 69 16.04 -53.32 8.73
CA ASN D 69 15.36 -54.60 8.70
C ASN D 69 13.91 -54.54 9.14
N LYS D 70 13.62 -53.72 10.17
CA LYS D 70 12.38 -53.82 10.96
C LYS D 70 11.20 -52.93 10.56
N THR D 71 10.06 -53.56 10.27
CA THR D 71 8.86 -52.84 9.84
C THR D 71 8.17 -52.16 11.01
N TRP D 72 7.11 -51.41 10.68
CA TRP D 72 6.32 -50.65 11.65
C TRP D 72 7.16 -50.20 12.84
N ASP D 73 8.21 -49.40 12.60
CA ASP D 73 9.16 -49.03 13.66
C ASP D 73 9.08 -47.58 14.06
N LYS D 74 9.66 -46.71 13.23
CA LYS D 74 9.72 -45.29 13.53
C LYS D 74 8.38 -44.64 13.25
N ASN D 75 8.12 -43.51 13.91
CA ASN D 75 6.87 -42.76 13.72
C ASN D 75 7.11 -41.42 13.03
N VAL D 76 6.05 -40.77 12.55
CA VAL D 76 6.23 -39.55 11.76
C VAL D 76 7.15 -38.54 12.44
N LYS D 77 6.96 -38.26 13.72
CA LYS D 77 7.87 -37.33 14.43
C LYS D 77 9.33 -37.79 14.32
N ASP D 78 9.56 -39.08 14.60
CA ASP D 78 10.90 -39.71 14.65
C ASP D 78 11.72 -39.39 13.40
N LEU D 79 11.06 -39.25 12.26
CA LEU D 79 11.77 -39.00 11.00
C LEU D 79 11.81 -37.53 10.61
N ASN D 80 11.12 -36.71 11.40
CA ASN D 80 10.93 -35.30 11.11
C ASN D 80 10.07 -35.09 9.84
N TYR D 81 8.88 -35.68 9.84
CA TYR D 81 8.01 -35.68 8.67
C TYR D 81 6.76 -34.78 8.80
N GLU D 82 5.99 -34.69 7.72
CA GLU D 82 4.89 -33.74 7.68
C GLU D 82 3.49 -34.36 7.71
N LEU D 83 2.47 -33.55 7.98
CA LEU D 83 1.09 -34.03 7.91
C LEU D 83 0.13 -33.07 7.22
N LEU D 84 -0.50 -33.50 6.14
CA LEU D 84 -1.55 -32.71 5.52
C LEU D 84 -2.88 -33.21 6.09
N ILE D 85 -3.51 -32.39 6.90
CA ILE D 85 -4.68 -32.82 7.66
C ILE D 85 -5.90 -32.23 7.01
N VAL D 86 -6.72 -33.09 6.45
CA VAL D 86 -7.77 -32.59 5.58
C VAL D 86 -9.12 -32.86 6.19
N SER D 87 -9.94 -31.82 6.20
CA SER D 87 -11.32 -31.92 6.61
C SER D 87 -12.01 -32.82 5.60
N GLN D 88 -12.44 -34.00 6.03
CA GLN D 88 -13.12 -34.91 5.11
C GLN D 88 -14.38 -35.43 5.73
N PHE D 89 -15.51 -34.80 5.38
CA PHE D 89 -16.78 -35.11 6.08
C PHE D 89 -17.47 -36.38 5.61
N THR D 90 -17.22 -36.76 4.37
CA THR D 90 -17.84 -37.94 3.79
C THR D 90 -17.46 -39.24 4.53
N LEU D 91 -16.45 -39.18 5.40
CA LEU D 91 -16.14 -40.30 6.28
C LEU D 91 -17.36 -40.78 7.05
N PHE D 92 -18.43 -39.98 6.98
CA PHE D 92 -19.66 -40.28 7.67
C PHE D 92 -20.81 -40.32 6.70
N GLY D 93 -20.56 -40.73 5.47
CA GLY D 93 -21.64 -40.97 4.51
C GLY D 93 -22.24 -42.35 4.76
N ASN D 94 -23.49 -42.37 5.23
CA ASN D 94 -24.19 -43.63 5.53
C ASN D 94 -24.85 -44.22 4.28
N THR D 95 -24.11 -45.16 3.70
CA THR D 95 -24.51 -45.90 2.51
C THR D 95 -25.24 -47.19 2.91
N LYS D 96 -25.11 -47.55 4.20
CA LYS D 96 -25.95 -48.56 4.84
C LYS D 96 -27.16 -48.77 3.95
N LYS D 97 -28.06 -47.79 3.98
CA LYS D 97 -29.32 -47.88 3.28
C LYS D 97 -29.24 -47.13 1.95
N GLY D 98 -29.47 -47.85 0.86
CA GLY D 98 -29.53 -47.24 -0.46
C GLY D 98 -28.20 -46.74 -1.00
N ASN D 99 -28.14 -46.60 -2.31
CA ASN D 99 -26.92 -46.17 -3.00
C ASN D 99 -26.76 -44.68 -3.12
N LYS D 100 -27.17 -43.96 -2.08
CA LYS D 100 -26.87 -42.55 -1.95
C LYS D 100 -26.29 -42.35 -0.56
N PRO D 101 -25.14 -41.65 -0.49
CA PRO D 101 -24.47 -41.32 0.76
C PRO D 101 -25.31 -40.36 1.59
N ASP D 102 -25.03 -40.29 2.89
CA ASP D 102 -25.95 -39.71 3.86
C ASP D 102 -25.17 -39.12 5.05
N PHE D 103 -24.99 -37.80 5.04
CA PHE D 103 -23.99 -37.17 5.93
C PHE D 103 -24.56 -36.52 7.20
N HIS D 104 -25.35 -37.28 7.96
CA HIS D 104 -26.07 -36.69 9.11
C HIS D 104 -25.35 -36.81 10.44
N LEU D 105 -24.84 -38.00 10.74
CA LEU D 105 -24.05 -38.19 11.95
C LEU D 105 -22.84 -37.25 12.03
N ALA D 106 -22.34 -36.80 10.88
CA ALA D 106 -21.25 -35.83 10.82
C ALA D 106 -21.70 -34.47 11.37
N LYS D 107 -20.78 -33.81 12.10
CA LYS D 107 -21.01 -32.49 12.70
C LYS D 107 -21.36 -31.44 11.64
N GLU D 108 -21.76 -30.24 12.08
CA GLU D 108 -22.25 -29.16 11.20
C GLU D 108 -21.16 -28.08 10.99
N PRO D 109 -21.03 -27.53 9.75
CA PRO D 109 -19.81 -26.81 9.33
C PRO D 109 -19.23 -25.78 10.32
N ASN D 110 -20.06 -25.20 11.17
CA ASN D 110 -19.67 -24.06 12.00
C ASN D 110 -18.81 -24.39 13.23
N GLU D 111 -19.25 -25.33 14.07
CA GLU D 111 -18.35 -25.86 15.11
C GLU D 111 -17.35 -26.79 14.44
N ALA D 112 -17.78 -27.43 13.35
CA ALA D 112 -16.90 -28.22 12.49
C ALA D 112 -15.65 -27.43 12.11
N LEU D 113 -15.86 -26.23 11.53
CA LEU D 113 -14.77 -25.30 11.24
C LEU D 113 -14.00 -24.93 12.51
N ILE D 114 -14.69 -24.63 13.61
CA ILE D 114 -13.98 -24.22 14.83
C ILE D 114 -13.26 -25.41 15.48
N PHE D 115 -13.74 -26.61 15.24
CA PHE D 115 -13.16 -27.79 15.86
C PHE D 115 -11.92 -28.23 15.10
N TYR D 116 -12.02 -28.30 13.79
CA TYR D 116 -10.86 -28.48 12.90
C TYR D 116 -9.66 -27.68 13.44
N ASN D 117 -9.87 -26.39 13.63
CA ASN D 117 -8.81 -25.47 13.98
C ASN D 117 -8.29 -25.72 15.38
N LYS D 118 -9.20 -26.04 16.30
CA LYS D 118 -8.79 -26.40 17.65
C LYS D 118 -7.80 -27.57 17.56
N ILE D 119 -8.23 -28.62 16.85
CA ILE D 119 -7.35 -29.74 16.50
C ILE D 119 -6.05 -29.21 15.89
N ILE D 120 -6.16 -28.53 14.74
CA ILE D 120 -4.98 -28.04 14.01
C ILE D 120 -4.05 -27.21 14.90
N ASP D 121 -4.66 -26.52 15.87
CA ASP D 121 -3.87 -25.82 16.90
C ASP D 121 -3.13 -26.84 17.76
N GLU D 122 -3.88 -27.72 18.42
CA GLU D 122 -3.30 -28.73 19.29
C GLU D 122 -2.22 -29.49 18.56
N PHE D 123 -2.47 -29.73 17.27
CA PHE D 123 -1.52 -30.43 16.43
C PHE D 123 -0.15 -29.73 16.50
N LYS D 124 -0.05 -28.53 15.91
CA LYS D 124 1.23 -27.82 15.88
C LYS D 124 1.80 -27.62 17.29
N LYS D 125 0.91 -27.67 18.31
CA LYS D 125 1.33 -27.71 19.71
C LYS D 125 2.13 -28.98 19.99
N GLN D 126 1.50 -30.13 19.80
CA GLN D 126 2.18 -31.40 20.06
C GLN D 126 3.26 -31.77 19.01
N TYR D 127 3.59 -30.86 18.10
CA TYR D 127 4.64 -31.14 17.10
C TYR D 127 5.45 -29.90 16.71
N ASN D 128 5.06 -29.26 15.62
CA ASN D 128 5.79 -28.13 15.10
C ASN D 128 4.93 -27.33 14.14
N ASP D 129 4.96 -26.01 14.31
CA ASP D 129 4.15 -25.11 13.49
C ASP D 129 4.24 -25.38 11.98
N ASP D 130 5.43 -25.75 11.50
CA ASP D 130 5.67 -25.88 10.06
C ASP D 130 5.62 -27.29 9.47
N LYS D 131 5.67 -28.32 10.31
CA LYS D 131 5.46 -29.70 9.85
C LYS D 131 3.99 -30.04 9.66
N ILE D 132 3.11 -29.07 9.87
CA ILE D 132 1.66 -29.26 9.70
C ILE D 132 1.09 -28.42 8.54
N LYS D 133 0.44 -29.07 7.59
CA LYS D 133 -0.26 -28.37 6.53
C LYS D 133 -1.73 -28.76 6.44
N ILE D 134 -2.52 -27.87 5.85
CA ILE D 134 -3.96 -28.04 5.80
C ILE D 134 -4.52 -27.72 4.42
N GLY D 135 -5.83 -27.82 4.30
CA GLY D 135 -6.54 -27.40 3.09
C GLY D 135 -7.66 -26.43 3.46
N LYS D 136 -8.30 -25.86 2.45
CA LYS D 136 -9.41 -24.98 2.69
C LYS D 136 -10.60 -25.83 3.15
N PHE D 137 -10.84 -25.83 4.46
CA PHE D 137 -12.04 -26.41 5.05
C PHE D 137 -13.27 -26.12 4.19
N GLY D 138 -14.10 -27.14 3.96
CA GLY D 138 -15.38 -26.94 3.26
C GLY D 138 -15.26 -26.42 1.83
N ASN D 139 -14.04 -26.47 1.28
CA ASN D 139 -13.77 -26.17 -0.13
C ASN D 139 -13.63 -27.38 -1.02
N TYR D 140 -14.23 -27.33 -2.20
CA TYR D 140 -13.83 -28.29 -3.21
C TYR D 140 -12.31 -28.14 -3.40
N MET D 141 -11.61 -29.28 -3.28
CA MET D 141 -10.17 -29.37 -3.48
C MET D 141 -9.83 -30.45 -4.48
N ASN D 142 -8.54 -30.57 -4.76
CA ASN D 142 -7.99 -31.62 -5.58
C ASN D 142 -6.61 -31.87 -4.97
N ILE D 143 -6.30 -33.14 -4.68
CA ILE D 143 -5.06 -33.49 -4.02
C ILE D 143 -4.29 -34.66 -4.67
N ASP D 144 -3.30 -34.30 -5.47
CA ASP D 144 -2.24 -35.20 -5.91
C ASP D 144 -1.54 -35.80 -4.71
N VAL D 145 -1.48 -37.14 -4.68
CA VAL D 145 -0.89 -37.88 -3.55
C VAL D 145 0.04 -38.98 -4.10
N THR D 146 1.18 -39.18 -3.43
CA THR D 146 2.04 -40.35 -3.65
C THR D 146 1.91 -41.30 -2.45
N ASN D 147 1.11 -42.35 -2.60
CA ASN D 147 0.92 -43.30 -1.51
C ASN D 147 2.12 -44.20 -1.43
N ASP D 148 2.70 -44.36 -0.25
CA ASP D 148 3.94 -45.10 -0.16
C ASP D 148 3.72 -46.47 0.48
N GLY D 149 3.36 -47.45 -0.34
CA GLY D 149 3.20 -48.80 0.17
C GLY D 149 2.26 -49.62 -0.68
N PRO D 150 0.97 -49.27 -0.65
CA PRO D 150 0.43 -48.19 0.15
C PRO D 150 0.28 -48.67 1.58
N VAL D 151 -0.15 -47.77 2.47
CA VAL D 151 -0.42 -48.08 3.86
C VAL D 151 -1.58 -47.17 4.25
N THR D 152 -2.79 -47.72 4.35
CA THR D 152 -3.92 -46.94 4.84
C THR D 152 -4.31 -47.41 6.24
N ILE D 153 -4.18 -46.52 7.21
CA ILE D 153 -4.65 -46.87 8.53
C ILE D 153 -6.00 -46.29 8.84
N TYR D 154 -6.78 -47.09 9.56
CA TYR D 154 -8.07 -46.65 10.03
C TYR D 154 -8.23 -46.69 11.55
N ILE D 155 -8.81 -45.63 12.08
CA ILE D 155 -9.10 -45.49 13.50
C ILE D 155 -10.42 -44.79 13.62
N ASP D 156 -11.33 -45.32 14.42
CA ASP D 156 -12.56 -44.58 14.75
C ASP D 156 -12.68 -44.55 16.26
N THR D 157 -12.81 -43.34 16.77
CA THR D 157 -12.79 -43.07 18.20
C THR D 157 -14.01 -43.62 18.95
N HIS D 158 -15.05 -44.00 18.21
CA HIS D 158 -16.24 -44.62 18.81
C HIS D 158 -16.11 -46.16 19.16
N ASP D 159 -14.87 -46.66 19.31
CA ASP D 159 -14.62 -48.09 19.59
C ASP D 159 -13.86 -48.29 20.90
N MET E 1 14.73 50.39 -19.48
CA MET E 1 15.30 49.79 -18.25
C MET E 1 14.24 49.75 -17.22
N ARG E 2 14.27 48.70 -16.42
CA ARG E 2 13.37 48.61 -15.29
C ARG E 2 14.08 48.31 -13.99
N VAL E 3 13.36 48.60 -12.91
CA VAL E 3 13.86 48.41 -11.56
C VAL E 3 12.72 48.25 -10.55
N VAL E 4 12.82 47.23 -9.71
CA VAL E 4 12.06 47.24 -8.49
C VAL E 4 13.00 47.48 -7.33
N ILE E 5 12.54 48.30 -6.41
CA ILE E 5 13.32 48.63 -5.28
C ILE E 5 12.44 48.34 -4.11
N GLN E 6 13.03 47.68 -3.12
CA GLN E 6 12.30 47.34 -1.93
C GLN E 6 13.08 47.75 -0.72
N ARG E 7 12.39 48.42 0.20
CA ARG E 7 13.00 48.90 1.43
C ARG E 7 13.08 47.72 2.39
N VAL E 8 14.28 47.52 2.93
CA VAL E 8 14.64 46.31 3.66
C VAL E 8 15.35 46.57 4.99
N LYS E 9 14.88 45.94 6.06
CA LYS E 9 15.62 45.92 7.33
C LYS E 9 16.86 45.01 7.23
N GLY E 10 17.06 44.41 6.06
CA GLY E 10 18.23 43.59 5.75
C GLY E 10 18.00 42.61 4.61
N ALA E 11 19.08 41.97 4.18
CA ALA E 11 19.00 40.85 3.24
C ALA E 11 20.23 39.93 3.24
N ILE E 12 19.95 38.62 3.11
CA ILE E 12 20.95 37.55 2.97
C ILE E 12 20.79 36.96 1.57
N LEU E 13 21.89 36.62 0.92
CA LEU E 13 21.84 36.07 -0.44
C LEU E 13 22.62 34.77 -0.59
N SER E 14 21.94 33.73 -1.04
CA SER E 14 22.55 32.40 -1.18
C SER E 14 22.42 31.82 -2.60
N VAL E 15 23.44 31.06 -3.04
CA VAL E 15 23.41 30.32 -4.33
C VAL E 15 23.53 28.78 -4.09
N ARG E 16 23.38 27.97 -5.15
CA ARG E 16 23.52 26.51 -5.03
C ARG E 16 24.98 26.04 -5.07
N LEU E 27 22.83 24.75 -0.39
CA LEU E 27 22.99 26.21 -0.58
C LEU E 27 23.91 26.85 0.48
N GLU E 28 24.38 28.06 0.19
CA GLU E 28 25.28 28.80 1.10
C GLU E 28 25.23 30.33 0.92
N ILE E 29 25.39 31.05 2.03
CA ILE E 29 25.35 32.51 2.07
C ILE E 29 26.50 33.09 1.25
N ILE E 30 26.26 34.16 0.49
CA ILE E 30 27.37 34.85 -0.21
C ILE E 30 27.34 36.39 -0.07
N SER E 31 26.19 37.01 -0.36
CA SER E 31 25.99 38.47 -0.24
C SER E 31 25.27 38.88 1.04
N GLU E 32 25.41 40.16 1.43
CA GLU E 32 24.74 40.70 2.60
C GLU E 32 24.70 42.22 2.69
N ILE E 33 23.49 42.77 2.66
CA ILE E 33 23.25 44.15 3.06
C ILE E 33 22.39 44.16 4.32
N LYS E 34 22.48 45.25 5.09
CA LYS E 34 21.67 45.41 6.30
C LYS E 34 20.51 46.33 5.94
N ASN E 35 20.16 47.21 6.86
CA ASN E 35 19.19 48.28 6.58
C ASN E 35 19.56 48.92 5.23
N GLY E 36 18.60 48.98 4.30
CA GLY E 36 18.87 49.56 2.97
C GLY E 36 17.91 49.31 1.81
N LEU E 37 18.46 48.95 0.65
CA LEU E 37 17.68 48.75 -0.57
C LEU E 37 18.06 47.56 -1.45
N ILE E 38 17.04 46.83 -1.87
CA ILE E 38 17.22 45.76 -2.82
C ILE E 38 16.65 46.18 -4.14
N CYS E 39 17.49 46.05 -5.16
CA CYS E 39 17.15 46.60 -6.44
C CYS E 39 17.25 45.54 -7.50
N PHE E 40 16.09 45.20 -8.05
CA PHE E 40 15.99 44.23 -9.12
C PHE E 40 16.01 45.06 -10.39
N LEU E 41 16.99 44.79 -11.24
CA LEU E 41 17.25 45.62 -12.40
C LEU E 41 17.07 44.85 -13.70
N GLY E 42 15.94 45.09 -14.34
CA GLY E 42 15.69 44.55 -15.66
C GLY E 42 16.39 45.39 -16.71
N ILE E 43 17.18 44.73 -17.54
CA ILE E 43 18.03 45.37 -18.51
C ILE E 43 17.39 45.16 -19.89
N HIS E 44 16.92 46.25 -20.49
CA HIS E 44 16.34 46.23 -21.84
C HIS E 44 17.50 46.20 -22.82
N LYS E 45 17.25 45.74 -24.05
CA LYS E 45 18.24 45.80 -25.13
C LYS E 45 18.50 47.25 -25.57
N ASN E 46 17.41 48.03 -25.61
CA ASN E 46 17.41 49.45 -26.03
C ASN E 46 17.68 50.43 -24.88
N ASP E 47 18.12 49.89 -23.75
CA ASP E 47 18.75 50.74 -22.75
C ASP E 47 20.08 51.11 -23.35
N THR E 48 20.46 52.38 -23.14
CA THR E 48 21.81 52.81 -23.43
C THR E 48 22.48 52.99 -22.07
N TRP E 49 23.62 53.66 -22.02
CA TRP E 49 24.16 54.06 -20.73
C TRP E 49 23.32 55.18 -20.12
N GLU E 50 22.26 55.56 -20.83
CA GLU E 50 21.30 56.58 -20.41
C GLU E 50 20.31 56.02 -19.37
N ASP E 51 19.39 55.18 -19.83
CA ASP E 51 18.48 54.45 -18.95
C ASP E 51 19.26 53.94 -17.74
N ALA E 52 20.45 53.39 -17.98
CA ALA E 52 21.34 52.93 -16.90
C ALA E 52 21.48 53.96 -15.78
N LEU E 53 21.59 55.22 -16.16
CA LEU E 53 21.79 56.28 -15.19
C LEU E 53 20.52 56.79 -14.54
N TYR E 54 19.43 56.90 -15.30
CA TYR E 54 18.15 57.28 -14.69
C TYR E 54 17.85 56.30 -13.59
N ILE E 55 18.17 55.02 -13.84
CA ILE E 55 18.14 54.00 -12.80
C ILE E 55 19.18 54.37 -11.72
N ILE E 56 20.46 54.17 -12.00
CA ILE E 56 21.52 54.42 -11.02
C ILE E 56 21.22 55.64 -10.14
N ARG E 57 20.89 56.75 -10.81
CA ARG E 57 20.56 57.98 -10.11
C ARG E 57 19.39 57.82 -9.15
N LYS E 58 18.19 57.59 -9.70
CA LYS E 58 16.96 57.49 -8.91
C LYS E 58 17.02 56.51 -7.76
N CYS E 59 18.01 55.62 -7.79
CA CYS E 59 18.26 54.74 -6.68
C CYS E 59 18.76 55.55 -5.51
N LEU E 60 20.07 55.75 -5.53
CA LEU E 60 20.86 56.35 -4.44
C LEU E 60 20.21 57.55 -3.77
N ASN E 61 19.30 58.19 -4.51
CA ASN E 61 18.85 59.53 -4.20
C ASN E 61 17.41 59.66 -3.76
N LEU E 62 16.57 58.70 -4.10
CA LEU E 62 15.14 58.80 -3.80
C LEU E 62 14.86 58.87 -2.31
N ARG E 63 14.22 59.96 -1.91
CA ARG E 63 13.99 60.29 -0.50
C ARG E 63 12.89 59.38 0.08
N LEU E 64 13.30 58.17 0.46
CA LEU E 64 12.37 57.05 0.75
C LEU E 64 12.25 56.70 2.25
N TRP E 65 13.07 57.34 3.06
CA TRP E 65 13.02 57.10 4.50
C TRP E 65 12.36 58.23 5.24
N ASN E 66 11.77 57.88 6.37
CA ASN E 66 11.16 58.88 7.19
C ASN E 66 12.14 59.37 8.24
N ASN E 67 12.93 60.34 7.82
CA ASN E 67 13.77 61.09 8.71
C ASN E 67 12.85 61.79 9.70
N ASP E 68 12.93 61.34 10.96
CA ASP E 68 12.12 61.83 12.08
C ASP E 68 11.45 63.16 11.79
N ASN E 69 10.16 63.26 12.11
CA ASN E 69 9.36 64.40 11.72
C ASN E 69 8.78 64.05 10.37
N LYS E 70 9.54 64.37 9.31
CA LYS E 70 9.01 64.45 7.94
C LYS E 70 9.11 63.15 7.12
N THR E 71 8.00 62.82 6.46
CA THR E 71 7.89 61.67 5.58
C THR E 71 8.79 61.78 4.33
N TRP E 72 8.77 60.74 3.50
CA TRP E 72 9.58 60.64 2.28
C TRP E 72 10.66 61.68 2.22
N ASP E 73 11.64 61.47 3.10
CA ASP E 73 12.65 62.45 3.47
C ASP E 73 14.09 62.04 3.11
N LYS E 74 14.54 60.89 3.60
CA LYS E 74 15.96 60.50 3.46
C LYS E 74 16.22 59.46 2.40
N ASN E 75 17.43 59.53 1.85
CA ASN E 75 17.89 58.50 0.92
C ASN E 75 18.98 57.59 1.49
N VAL E 76 19.54 56.78 0.59
CA VAL E 76 20.36 55.65 0.96
C VAL E 76 21.72 56.08 1.48
N LYS E 77 22.34 57.00 0.73
CA LYS E 77 23.55 57.69 1.11
C LYS E 77 23.28 58.49 2.39
N ASP E 78 22.18 59.23 2.38
CA ASP E 78 21.73 60.05 3.52
C ASP E 78 21.51 59.36 4.87
N LEU E 79 21.87 58.08 4.98
CA LEU E 79 21.79 57.34 6.23
C LEU E 79 22.88 56.29 6.24
N ASN E 80 23.76 56.41 5.25
CA ASN E 80 24.87 55.48 5.05
C ASN E 80 24.47 54.02 4.98
N TYR E 81 23.47 53.72 4.15
CA TYR E 81 23.01 52.35 4.01
C TYR E 81 23.65 51.65 2.82
N GLU E 82 23.22 50.40 2.58
CA GLU E 82 23.75 49.56 1.50
C GLU E 82 22.67 49.31 0.45
N LEU E 83 23.07 48.85 -0.73
CA LEU E 83 22.10 48.53 -1.78
C LEU E 83 22.49 47.29 -2.52
N LEU E 84 21.74 46.22 -2.33
CA LEU E 84 22.06 45.01 -3.05
C LEU E 84 21.25 44.98 -4.34
N ILE E 85 21.98 44.77 -5.43
CA ILE E 85 21.49 44.96 -6.78
C ILE E 85 21.56 43.65 -7.57
N VAL E 86 20.41 43.22 -8.09
CA VAL E 86 20.22 41.86 -8.60
C VAL E 86 19.72 41.96 -10.01
N SER E 87 20.30 41.18 -10.92
CA SER E 87 19.84 41.22 -12.28
C SER E 87 18.62 40.37 -12.44
N GLN E 88 17.69 40.87 -13.23
CA GLN E 88 16.34 40.33 -13.29
C GLN E 88 15.66 40.52 -14.64
N PHE E 89 16.20 39.87 -15.66
CA PHE E 89 15.60 39.95 -17.00
C PHE E 89 14.09 39.71 -16.96
N THR E 90 13.64 38.99 -15.93
CA THR E 90 12.22 38.64 -15.77
C THR E 90 11.33 39.88 -15.65
N LEU E 91 11.97 41.02 -15.34
CA LEU E 91 11.28 42.28 -15.26
C LEU E 91 10.84 42.69 -16.65
N PHE E 92 11.63 42.27 -17.65
CA PHE E 92 11.24 42.41 -19.04
C PHE E 92 10.47 41.21 -19.56
N GLY E 93 9.96 40.42 -18.61
CA GLY E 93 9.01 39.35 -18.90
C GLY E 93 7.66 39.94 -19.22
N ASN E 94 7.33 39.90 -20.51
CA ASN E 94 6.04 40.33 -21.05
C ASN E 94 4.94 39.27 -20.79
N THR E 95 3.76 39.70 -20.33
CA THR E 95 2.64 38.77 -20.13
C THR E 95 1.33 39.16 -20.83
N LYS E 96 1.42 40.12 -21.76
CA LYS E 96 0.30 40.51 -22.65
C LYS E 96 -0.04 39.31 -23.55
N LYS E 97 0.99 38.55 -23.88
CA LYS E 97 0.94 37.51 -24.89
C LYS E 97 0.32 36.20 -24.39
N GLY E 98 0.45 35.93 -23.09
CA GLY E 98 -0.24 34.81 -22.45
C GLY E 98 0.08 34.65 -20.96
N ASN E 99 0.36 33.42 -20.55
CA ASN E 99 0.73 33.16 -19.17
C ASN E 99 2.12 32.52 -19.05
N LYS E 100 2.67 32.14 -20.20
CA LYS E 100 4.08 31.81 -20.33
C LYS E 100 4.82 33.09 -20.71
N PRO E 101 5.62 33.63 -19.79
CA PRO E 101 6.39 34.83 -20.08
C PRO E 101 7.34 34.67 -21.27
N ASP E 102 7.46 35.74 -22.06
CA ASP E 102 8.53 35.88 -23.03
C ASP E 102 9.42 37.05 -22.61
N PHE E 103 10.72 36.94 -22.85
CA PHE E 103 11.66 38.01 -22.55
C PHE E 103 12.46 38.33 -23.80
N HIS E 104 11.77 38.36 -24.94
CA HIS E 104 12.39 38.73 -26.21
C HIS E 104 12.77 40.21 -26.21
N LEU E 105 12.15 41.00 -25.33
CA LEU E 105 12.49 42.41 -25.17
C LEU E 105 13.52 42.68 -24.05
N ALA E 106 13.96 41.63 -23.34
CA ALA E 106 15.01 41.74 -22.33
C ALA E 106 16.35 41.85 -23.01
N LYS E 107 17.41 42.10 -22.25
CA LYS E 107 18.72 42.16 -22.85
C LYS E 107 19.24 40.75 -22.99
N GLU E 108 19.92 40.54 -24.10
CA GLU E 108 20.72 39.36 -24.36
C GLU E 108 21.67 39.16 -23.16
N PRO E 109 21.64 37.95 -22.51
CA PRO E 109 22.33 37.67 -21.23
C PRO E 109 23.76 38.23 -21.09
N ASN E 110 24.50 38.30 -22.19
CA ASN E 110 25.93 38.65 -22.13
C ASN E 110 26.24 40.15 -22.28
N GLU E 111 25.65 40.82 -23.27
CA GLU E 111 25.72 42.29 -23.38
C GLU E 111 25.01 42.92 -22.19
N ALA E 112 24.28 42.08 -21.46
CA ALA E 112 23.76 42.45 -20.15
C ALA E 112 24.86 42.29 -19.10
N LEU E 113 25.58 41.17 -19.12
CA LEU E 113 26.57 40.85 -18.06
C LEU E 113 27.53 41.99 -17.73
N ILE E 114 28.17 42.56 -18.75
CA ILE E 114 29.15 43.63 -18.53
C ILE E 114 28.43 44.94 -18.24
N PHE E 115 27.31 45.16 -18.92
CA PHE E 115 26.41 46.27 -18.66
C PHE E 115 26.16 46.37 -17.14
N TYR E 116 25.56 45.32 -16.59
CA TYR E 116 25.36 45.15 -15.15
C TYR E 116 26.64 45.45 -14.38
N ASN E 117 27.75 44.85 -14.80
CA ASN E 117 29.04 45.07 -14.17
C ASN E 117 29.43 46.54 -14.14
N LYS E 118 29.23 47.21 -15.27
CA LYS E 118 29.51 48.64 -15.39
C LYS E 118 28.50 49.49 -14.63
N ILE E 119 27.29 48.96 -14.47
CA ILE E 119 26.25 49.63 -13.71
C ILE E 119 26.64 49.58 -12.23
N ILE E 120 27.20 48.45 -11.82
CA ILE E 120 27.76 48.31 -10.47
C ILE E 120 28.97 49.25 -10.29
N ASP E 121 29.84 49.30 -11.29
CA ASP E 121 31.01 50.18 -11.25
C ASP E 121 30.61 51.62 -10.94
N GLU E 122 29.63 52.13 -11.70
CA GLU E 122 29.15 53.49 -11.52
C GLU E 122 28.46 53.68 -10.17
N PHE E 123 27.73 52.64 -9.75
CA PHE E 123 27.12 52.58 -8.41
C PHE E 123 28.15 52.73 -7.30
N LYS E 124 29.36 52.25 -7.54
CA LYS E 124 30.43 52.39 -6.57
C LYS E 124 30.97 53.81 -6.61
N LYS E 125 31.21 54.32 -7.80
CA LYS E 125 31.75 55.66 -7.96
C LYS E 125 30.77 56.73 -7.47
N GLN E 126 29.48 56.44 -7.50
CA GLN E 126 28.47 57.43 -7.12
C GLN E 126 28.12 57.43 -5.64
N TYR E 127 28.49 56.36 -4.94
CA TYR E 127 28.23 56.27 -3.48
C TYR E 127 29.30 55.53 -2.66
N ASN E 128 29.75 54.36 -3.11
CA ASN E 128 30.77 53.64 -2.34
C ASN E 128 31.09 52.31 -2.96
N ASP E 129 32.29 51.81 -2.71
CA ASP E 129 32.54 50.40 -2.97
C ASP E 129 32.04 49.55 -1.78
N ASP E 130 32.15 50.09 -0.57
CA ASP E 130 31.81 49.37 0.67
C ASP E 130 30.30 49.16 0.89
N LYS E 131 29.47 49.63 -0.03
CA LYS E 131 28.02 49.59 0.15
C LYS E 131 27.26 48.77 -0.91
N ILE E 132 27.91 48.51 -2.03
CA ILE E 132 27.24 47.93 -3.18
C ILE E 132 27.50 46.42 -3.32
N LYS E 133 26.62 45.63 -2.72
CA LYS E 133 26.66 44.18 -2.84
C LYS E 133 26.01 43.74 -4.16
N ILE E 134 26.55 42.68 -4.75
CA ILE E 134 26.07 42.15 -6.04
C ILE E 134 25.35 40.80 -5.90
N GLY E 135 24.40 40.57 -6.80
CA GLY E 135 23.86 39.24 -7.00
C GLY E 135 24.82 38.57 -7.96
N LYS E 136 24.76 37.23 -8.00
CA LYS E 136 25.63 36.47 -8.90
C LYS E 136 24.87 35.98 -10.15
N PHE E 137 25.15 36.64 -11.27
CA PHE E 137 24.27 36.68 -12.44
C PHE E 137 23.82 35.34 -13.02
N GLY E 138 24.79 34.55 -13.47
CA GLY E 138 24.50 33.32 -14.21
C GLY E 138 23.58 32.33 -13.53
N ASN E 139 23.80 32.09 -12.23
CA ASN E 139 23.14 30.99 -11.49
C ASN E 139 22.11 31.33 -10.40
N TYR E 140 21.10 30.46 -10.31
CA TYR E 140 20.05 30.53 -9.30
C TYR E 140 20.53 31.06 -7.94
N MET E 141 19.90 32.15 -7.52
CA MET E 141 20.09 32.70 -6.18
C MET E 141 18.88 32.44 -5.28
N ASN E 142 19.14 32.31 -3.99
CA ASN E 142 18.08 32.28 -2.99
C ASN E 142 18.30 33.43 -2.05
N ILE E 143 17.31 34.31 -1.98
CA ILE E 143 17.49 35.55 -1.26
C ILE E 143 16.46 35.81 -0.15
N ASP E 144 16.97 35.80 1.08
CA ASP E 144 16.16 36.20 2.22
C ASP E 144 16.17 37.71 2.34
N VAL E 145 14.97 38.26 2.22
CA VAL E 145 14.77 39.69 2.11
C VAL E 145 13.88 40.12 3.26
N THR E 146 14.42 40.91 4.19
CA THR E 146 13.61 41.41 5.31
C THR E 146 12.95 42.75 4.94
N ASN E 147 11.77 42.63 4.32
CA ASN E 147 10.99 43.77 3.82
C ASN E 147 10.52 44.74 4.90
N ASP E 148 10.91 46.01 4.72
CA ASP E 148 10.63 47.10 5.65
C ASP E 148 9.50 47.99 5.10
N GLY E 149 8.33 47.92 5.75
CA GLY E 149 7.14 48.67 5.36
C GLY E 149 5.98 47.80 4.90
N PRO E 150 6.10 47.20 3.70
CA PRO E 150 7.29 47.27 2.85
C PRO E 150 7.25 48.52 2.00
N VAL E 151 8.19 48.61 1.06
CA VAL E 151 8.19 49.72 0.13
C VAL E 151 8.71 49.20 -1.17
N THR E 152 7.88 49.33 -2.19
CA THR E 152 8.23 48.81 -3.49
C THR E 152 8.09 49.90 -4.56
N ILE E 153 9.21 50.25 -5.17
CA ILE E 153 9.15 51.21 -6.26
C ILE E 153 9.37 50.55 -7.62
N TYR E 154 8.51 50.91 -8.57
CA TYR E 154 8.69 50.46 -9.93
C TYR E 154 8.91 51.64 -10.85
N ILE E 155 9.95 51.53 -11.65
CA ILE E 155 10.28 52.52 -12.68
C ILE E 155 10.58 51.82 -14.00
N ASP E 156 10.08 52.39 -15.11
CA ASP E 156 10.50 51.98 -16.44
C ASP E 156 11.03 53.17 -17.23
N THR E 157 12.36 53.32 -17.27
CA THR E 157 13.03 54.44 -17.97
C THR E 157 12.39 54.76 -19.31
N HIS E 158 11.73 53.78 -19.91
CA HIS E 158 11.03 53.96 -21.17
C HIS E 158 9.63 54.58 -20.93
N ASP E 159 9.58 55.60 -20.06
CA ASP E 159 8.46 56.57 -20.03
C ASP E 159 8.98 58.02 -20.26
N MET F 1 -3.84 50.15 -12.17
CA MET F 1 -3.68 48.84 -11.45
C MET F 1 -2.31 48.19 -11.67
N ARG F 2 -1.65 47.90 -10.57
CA ARG F 2 -0.33 47.32 -10.63
C ARG F 2 -0.16 46.18 -9.67
N VAL F 3 0.50 45.14 -10.12
CA VAL F 3 0.94 44.17 -9.18
C VAL F 3 2.43 44.06 -9.38
N VAL F 4 3.09 43.54 -8.35
CA VAL F 4 4.44 42.99 -8.43
C VAL F 4 4.38 41.58 -7.81
N ILE F 5 4.92 40.62 -8.54
CA ILE F 5 4.91 39.26 -8.12
C ILE F 5 6.32 38.86 -7.79
N GLN F 6 6.47 38.12 -6.71
CA GLN F 6 7.76 37.56 -6.43
C GLN F 6 7.60 36.12 -6.04
N ARG F 7 8.36 35.26 -6.72
CA ARG F 7 8.34 33.83 -6.49
C ARG F 7 9.03 33.52 -5.17
N VAL F 8 8.24 32.98 -4.24
CA VAL F 8 8.72 32.69 -2.90
C VAL F 8 8.85 31.19 -2.67
N LYS F 9 9.60 30.82 -1.62
CA LYS F 9 9.56 29.49 -1.03
C LYS F 9 8.75 29.61 0.22
N GLY F 10 8.57 30.86 0.66
CA GLY F 10 7.83 31.13 1.87
C GLY F 10 7.83 32.59 2.25
N ALA F 11 6.91 32.93 3.16
CA ALA F 11 6.75 34.30 3.67
C ALA F 11 6.19 34.38 5.09
N ILE F 12 6.90 35.12 5.94
CA ILE F 12 6.50 35.50 7.29
C ILE F 12 6.17 37.00 7.29
N LEU F 13 5.02 37.37 7.84
CA LEU F 13 4.53 38.75 7.76
C LEU F 13 4.10 39.26 9.14
N SER F 14 4.62 40.44 9.56
CA SER F 14 4.44 40.99 10.94
C SER F 14 3.71 42.37 11.11
N VAL F 15 3.64 42.91 12.34
CA VAL F 15 3.29 44.34 12.63
C VAL F 15 4.16 44.96 13.77
N LEU F 27 7.55 42.43 17.16
CA LEU F 27 7.21 42.01 15.81
C LEU F 27 6.28 40.80 15.89
N GLU F 28 5.08 40.93 15.33
CA GLU F 28 4.02 39.92 15.52
C GLU F 28 3.58 39.25 14.20
N ILE F 29 3.92 37.97 14.04
CA ILE F 29 3.43 37.16 12.89
C ILE F 29 1.91 37.09 12.83
N ILE F 30 1.35 37.33 11.65
CA ILE F 30 -0.11 37.33 11.49
C ILE F 30 -0.61 36.60 10.24
N SER F 31 0.22 36.61 9.19
CA SER F 31 -0.01 35.82 7.99
C SER F 31 1.25 35.03 7.67
N GLU F 32 1.06 33.84 7.10
CA GLU F 32 2.20 32.96 6.77
C GLU F 32 1.93 32.05 5.59
N ILE F 33 2.78 32.15 4.59
CA ILE F 33 2.72 31.25 3.44
C ILE F 33 4.04 30.51 3.27
N LYS F 34 3.94 29.35 2.61
CA LYS F 34 5.11 28.61 2.17
C LYS F 34 5.27 28.91 0.68
N ASN F 35 5.45 27.88 -0.15
CA ASN F 35 5.70 28.04 -1.59
C ASN F 35 4.56 28.78 -2.30
N GLY F 36 4.94 29.61 -3.26
CA GLY F 36 3.98 30.36 -4.05
C GLY F 36 4.49 31.73 -4.44
N LEU F 37 3.60 32.74 -4.35
CA LEU F 37 3.94 34.10 -4.74
C LEU F 37 3.72 35.04 -3.59
N ILE F 38 4.63 35.98 -3.36
CA ILE F 38 4.23 37.18 -2.66
C ILE F 38 3.76 38.16 -3.73
N CYS F 39 2.75 38.95 -3.37
CA CYS F 39 2.13 39.86 -4.31
C CYS F 39 1.99 41.26 -3.77
N PHE F 40 2.67 42.19 -4.41
CA PHE F 40 2.55 43.58 -4.06
C PHE F 40 1.63 44.27 -5.06
N LEU F 41 0.48 44.67 -4.57
CA LEU F 41 -0.59 45.17 -5.41
C LEU F 41 -1.00 46.55 -4.96
N GLY F 42 -1.19 47.43 -5.94
CA GLY F 42 -1.63 48.81 -5.73
C GLY F 42 -2.80 49.19 -6.61
N ILE F 43 -3.77 49.85 -5.98
CA ILE F 43 -4.98 50.29 -6.66
C ILE F 43 -4.84 51.74 -7.15
N HIS F 44 -5.44 52.03 -8.30
CA HIS F 44 -5.39 53.35 -8.96
C HIS F 44 -6.69 54.11 -8.75
N LYS F 45 -6.60 55.43 -8.59
CA LYS F 45 -7.78 56.29 -8.50
C LYS F 45 -8.89 55.84 -9.48
N ASN F 46 -8.51 55.46 -10.69
CA ASN F 46 -9.47 55.03 -11.73
C ASN F 46 -9.56 53.52 -12.06
N ASP F 47 -9.25 52.66 -11.09
CA ASP F 47 -9.39 51.20 -11.29
C ASP F 47 -10.85 50.75 -11.18
N THR F 48 -11.20 49.70 -11.94
CA THR F 48 -12.57 49.13 -11.91
C THR F 48 -12.56 47.68 -11.48
N TRP F 49 -13.44 46.87 -12.05
CA TRP F 49 -13.42 45.45 -11.82
C TRP F 49 -12.56 44.75 -12.87
N GLU F 50 -12.47 45.34 -14.09
CA GLU F 50 -11.61 44.84 -15.20
C GLU F 50 -10.20 44.61 -14.71
N ASP F 51 -9.72 45.63 -14.00
CA ASP F 51 -8.36 45.70 -13.50
C ASP F 51 -8.30 44.71 -12.37
N ALA F 52 -9.19 44.88 -11.41
CA ALA F 52 -9.35 43.92 -10.34
C ALA F 52 -9.07 42.56 -10.92
N LEU F 53 -9.82 42.20 -11.98
CA LEU F 53 -9.73 40.89 -12.63
C LEU F 53 -8.45 40.65 -13.43
N TYR F 54 -8.22 41.41 -14.51
CA TYR F 54 -6.97 41.20 -15.23
C TYR F 54 -5.82 40.87 -14.26
N ILE F 55 -5.73 41.65 -13.16
CA ILE F 55 -4.69 41.39 -12.17
C ILE F 55 -4.85 40.01 -11.60
N ILE F 56 -5.96 39.79 -10.91
CA ILE F 56 -6.27 38.50 -10.30
C ILE F 56 -6.06 37.33 -11.30
N ARG F 57 -6.78 37.37 -12.43
CA ARG F 57 -6.59 36.39 -13.51
C ARG F 57 -5.13 35.97 -13.61
N LYS F 58 -4.29 36.90 -14.05
CA LYS F 58 -2.87 36.65 -14.31
C LYS F 58 -2.13 36.03 -13.14
N CYS F 59 -2.45 36.49 -11.92
CA CYS F 59 -1.75 36.03 -10.72
C CYS F 59 -1.92 34.55 -10.52
N LEU F 60 -3.15 34.10 -10.75
CA LEU F 60 -3.53 32.76 -10.50
C LEU F 60 -3.11 31.91 -11.66
N ASN F 61 -2.74 32.53 -12.77
CA ASN F 61 -2.52 31.78 -14.00
C ASN F 61 -1.14 31.85 -14.66
N LEU F 62 -0.20 32.58 -14.08
CA LEU F 62 1.10 32.73 -14.73
C LEU F 62 1.98 31.51 -14.57
N ARG F 63 2.29 30.85 -15.68
CA ARG F 63 3.17 29.71 -15.65
C ARG F 63 4.54 30.26 -15.30
N LEU F 64 4.87 30.16 -14.02
CA LEU F 64 6.05 30.78 -13.46
C LEU F 64 7.02 29.79 -12.84
N TRP F 65 6.62 28.53 -12.72
CA TRP F 65 7.57 27.51 -12.35
C TRP F 65 7.93 26.63 -13.51
N ASN F 66 9.19 26.22 -13.51
CA ASN F 66 9.68 25.19 -14.41
C ASN F 66 9.08 23.87 -13.97
N ASN F 67 9.11 22.88 -14.85
CA ASN F 67 8.47 21.59 -14.56
C ASN F 67 8.86 20.52 -15.57
N ASP F 68 9.22 19.34 -15.05
CA ASP F 68 9.82 18.25 -15.82
C ASP F 68 11.05 18.88 -16.47
N ASN F 69 11.25 18.65 -17.77
CA ASN F 69 12.22 19.43 -18.54
C ASN F 69 11.66 20.88 -18.72
N LYS F 70 10.56 21.04 -19.48
CA LYS F 70 9.80 22.30 -19.68
C LYS F 70 10.00 23.49 -18.69
N THR F 71 10.33 24.66 -19.25
CA THR F 71 10.51 25.88 -18.45
C THR F 71 9.19 26.62 -18.41
N TRP F 72 9.05 27.55 -17.47
CA TRP F 72 7.86 28.41 -17.38
C TRP F 72 6.64 27.60 -17.70
N ASP F 73 6.45 26.53 -16.94
CA ASP F 73 5.48 25.50 -17.30
C ASP F 73 4.21 25.46 -16.43
N LYS F 74 4.35 25.46 -15.11
CA LYS F 74 3.15 25.30 -14.26
C LYS F 74 2.89 26.53 -13.48
N ASN F 75 1.61 26.87 -13.35
CA ASN F 75 1.19 28.03 -12.59
C ASN F 75 0.94 27.77 -11.11
N VAL F 76 0.48 28.80 -10.41
CA VAL F 76 0.31 28.70 -8.97
C VAL F 76 -0.79 27.72 -8.61
N LYS F 77 -1.93 27.83 -9.31
CA LYS F 77 -3.05 26.88 -9.21
C LYS F 77 -2.64 25.42 -9.46
N ASP F 78 -1.82 25.21 -10.49
CA ASP F 78 -1.30 23.90 -10.81
C ASP F 78 -0.61 23.31 -9.59
N LEU F 79 0.58 23.83 -9.28
CA LEU F 79 1.38 23.35 -8.16
C LEU F 79 0.66 23.53 -6.82
N ASN F 80 -0.65 23.80 -6.89
CA ASN F 80 -1.49 24.03 -5.69
C ASN F 80 -0.83 24.86 -4.57
N TYR F 81 -0.25 25.99 -4.96
CA TYR F 81 0.56 26.80 -4.07
C TYR F 81 -0.29 27.88 -3.42
N GLU F 82 0.32 28.64 -2.51
CA GLU F 82 -0.30 29.82 -1.87
C GLU F 82 0.19 31.16 -2.48
N LEU F 83 -0.65 32.19 -2.46
CA LEU F 83 -0.13 33.52 -2.78
C LEU F 83 -0.48 34.58 -1.74
N LEU F 84 0.55 35.34 -1.32
CA LEU F 84 0.41 36.42 -0.32
C LEU F 84 0.13 37.80 -0.92
N ILE F 85 -1.07 38.29 -0.63
CA ILE F 85 -1.59 39.51 -1.19
C ILE F 85 -1.40 40.67 -0.20
N VAL F 86 -0.46 41.57 -0.52
CA VAL F 86 -0.15 42.74 0.34
C VAL F 86 -0.37 44.05 -0.39
N SER F 87 -1.10 44.96 0.25
CA SER F 87 -1.36 46.28 -0.30
C SER F 87 -0.12 47.18 -0.24
N GLN F 88 0.40 47.51 -1.41
CA GLN F 88 1.57 48.37 -1.51
C GLN F 88 1.15 49.59 -2.35
N PHE F 89 0.81 50.69 -1.67
CA PHE F 89 0.33 51.88 -2.38
C PHE F 89 1.48 52.51 -3.14
N THR F 90 2.69 52.16 -2.71
CA THR F 90 3.90 52.82 -3.17
C THR F 90 4.32 52.44 -4.60
N LEU F 91 3.52 51.59 -5.26
CA LEU F 91 3.75 51.30 -6.68
C LEU F 91 3.27 52.46 -7.52
N PHE F 92 2.32 53.22 -6.98
CA PHE F 92 1.79 54.42 -7.61
C PHE F 92 2.56 55.67 -7.25
N GLY F 93 3.73 55.47 -6.66
CA GLY F 93 4.66 56.55 -6.41
C GLY F 93 5.46 56.93 -7.64
N ASN F 94 4.88 57.79 -8.47
CA ASN F 94 5.63 58.46 -9.52
C ASN F 94 6.84 59.21 -8.96
N THR F 95 7.99 58.98 -9.56
CA THR F 95 9.17 59.76 -9.23
C THR F 95 9.83 60.33 -10.48
N LYS F 96 9.03 60.58 -11.51
CA LYS F 96 9.50 61.40 -12.60
C LYS F 96 9.47 62.85 -12.14
N LYS F 97 8.86 63.06 -10.97
CA LYS F 97 8.77 64.35 -10.30
C LYS F 97 9.79 64.42 -9.15
N GLY F 98 11.08 64.47 -9.51
CA GLY F 98 12.18 64.49 -8.52
C GLY F 98 12.24 63.30 -7.56
N ASN F 99 13.00 63.45 -6.47
CA ASN F 99 13.20 62.37 -5.50
C ASN F 99 12.18 62.21 -4.37
N LYS F 100 11.05 62.89 -4.49
CA LYS F 100 9.91 62.63 -3.63
C LYS F 100 8.76 62.08 -4.48
N PRO F 101 8.18 60.96 -4.03
CA PRO F 101 7.15 60.24 -4.75
C PRO F 101 5.74 60.81 -4.57
N ASP F 102 5.28 61.54 -5.57
CA ASP F 102 3.90 61.98 -5.64
C ASP F 102 3.04 60.72 -5.76
N PHE F 103 2.30 60.40 -4.71
CA PHE F 103 1.43 59.23 -4.76
C PHE F 103 0.01 59.58 -5.16
N HIS F 104 -0.19 60.78 -5.69
CA HIS F 104 -1.54 61.32 -6.00
C HIS F 104 -2.46 60.33 -6.77
N LEU F 105 -1.85 59.47 -7.60
CA LEU F 105 -2.60 58.59 -8.52
C LEU F 105 -3.26 57.33 -7.88
N ALA F 106 -2.88 57.01 -6.64
CA ALA F 106 -3.50 55.93 -5.86
C ALA F 106 -4.93 56.28 -5.48
N LYS F 107 -5.78 55.27 -5.32
CA LYS F 107 -7.10 55.44 -4.72
C LYS F 107 -6.90 55.76 -3.24
N GLU F 108 -7.75 56.62 -2.69
CA GLU F 108 -7.63 57.02 -1.31
C GLU F 108 -7.89 55.84 -0.36
N PRO F 109 -7.08 55.72 0.72
CA PRO F 109 -7.15 54.70 1.77
C PRO F 109 -8.51 54.07 2.15
N ASN F 110 -9.55 54.85 2.46
CA ASN F 110 -10.82 54.25 2.96
C ASN F 110 -11.64 53.47 1.91
N GLU F 111 -11.48 53.82 0.64
CA GLU F 111 -12.11 53.12 -0.46
C GLU F 111 -11.21 52.02 -0.99
N ALA F 112 -9.90 52.22 -0.85
CA ALA F 112 -8.92 51.21 -1.23
C ALA F 112 -9.16 49.94 -0.44
N LEU F 113 -9.32 50.10 0.88
CA LEU F 113 -9.61 48.98 1.79
C LEU F 113 -10.77 48.19 1.22
N ILE F 114 -11.99 48.68 1.36
CA ILE F 114 -13.15 47.93 0.86
C ILE F 114 -12.83 47.32 -0.50
N PHE F 115 -12.24 48.11 -1.39
CA PHE F 115 -11.90 47.64 -2.74
C PHE F 115 -11.08 46.36 -2.69
N TYR F 116 -9.79 46.52 -2.36
CA TYR F 116 -8.88 45.43 -2.00
C TYR F 116 -9.55 44.16 -1.48
N ASN F 117 -10.67 44.31 -0.78
CA ASN F 117 -11.32 43.16 -0.11
C ASN F 117 -12.39 42.43 -0.90
N LYS F 118 -12.81 43.00 -2.03
CA LYS F 118 -13.61 42.29 -3.02
C LYS F 118 -12.67 41.57 -3.96
N ILE F 119 -11.43 42.02 -3.93
CA ILE F 119 -10.35 41.47 -4.74
C ILE F 119 -9.78 40.24 -4.04
N ILE F 120 -9.56 40.34 -2.73
CA ILE F 120 -9.40 39.16 -1.89
C ILE F 120 -10.62 38.25 -2.09
N ASP F 121 -11.78 38.84 -2.31
CA ASP F 121 -13.04 38.07 -2.47
C ASP F 121 -13.22 37.41 -3.82
N GLU F 122 -12.22 37.49 -4.68
CA GLU F 122 -12.32 36.86 -5.97
C GLU F 122 -11.18 35.90 -6.12
N PHE F 123 -10.05 36.22 -5.49
CA PHE F 123 -8.99 35.26 -5.31
C PHE F 123 -9.60 34.05 -4.59
N LYS F 124 -10.08 34.29 -3.36
CA LYS F 124 -10.67 33.26 -2.56
C LYS F 124 -11.76 32.54 -3.32
N LYS F 125 -12.62 33.32 -3.96
CA LYS F 125 -13.67 32.78 -4.83
C LYS F 125 -13.05 31.91 -5.92
N GLN F 126 -12.28 32.50 -6.82
CA GLN F 126 -11.80 31.82 -8.02
C GLN F 126 -10.80 30.70 -7.80
N TYR F 127 -9.72 30.97 -7.06
CA TYR F 127 -8.82 29.88 -6.72
C TYR F 127 -9.55 29.12 -5.63
N ASN F 128 -9.16 29.33 -4.38
CA ASN F 128 -9.82 28.73 -3.24
C ASN F 128 -9.57 29.58 -2.00
N ASP F 129 -10.43 29.39 -1.01
CA ASP F 129 -10.35 30.15 0.22
C ASP F 129 -9.04 29.93 0.99
N ASP F 130 -8.43 28.77 0.82
CA ASP F 130 -7.39 28.31 1.71
C ASP F 130 -6.02 28.94 1.48
N LYS F 131 -5.67 29.12 0.22
CA LYS F 131 -4.32 29.53 -0.19
C LYS F 131 -4.12 31.05 -0.30
N ILE F 132 -5.12 31.83 0.13
CA ILE F 132 -5.08 33.31 0.05
C ILE F 132 -4.74 33.96 1.39
N LYS F 133 -3.54 34.54 1.47
CA LYS F 133 -3.10 35.23 2.68
C LYS F 133 -2.91 36.73 2.45
N ILE F 134 -3.28 37.51 3.46
CA ILE F 134 -3.24 38.98 3.42
C ILE F 134 -2.32 39.56 4.50
N GLY F 135 -2.52 40.84 4.79
CA GLY F 135 -1.76 41.55 5.80
C GLY F 135 -2.54 42.79 6.16
N LYS F 136 -2.27 43.35 7.35
CA LYS F 136 -3.04 44.47 7.87
C LYS F 136 -2.98 45.72 6.98
N PHE F 137 -3.97 45.84 6.09
CA PHE F 137 -4.04 46.90 5.09
C PHE F 137 -3.76 48.30 5.67
N GLY F 138 -2.65 48.89 5.25
CA GLY F 138 -2.23 50.18 5.79
C GLY F 138 -1.80 50.02 7.24
N ASN F 139 -0.69 49.31 7.41
CA ASN F 139 0.02 49.23 8.66
C ASN F 139 1.48 49.00 8.38
N TYR F 140 2.34 49.44 9.29
CA TYR F 140 3.75 49.14 9.21
C TYR F 140 3.86 47.63 9.36
N MET F 141 4.29 46.99 8.27
CA MET F 141 4.50 45.53 8.19
C MET F 141 5.98 45.20 8.04
N ASN F 142 6.34 44.03 8.53
CA ASN F 142 7.67 43.47 8.33
C ASN F 142 7.53 42.10 7.68
N ILE F 143 8.00 42.00 6.44
CA ILE F 143 7.81 40.78 5.69
C ILE F 143 9.11 40.07 5.35
N ASP F 144 9.25 38.89 5.92
CA ASP F 144 10.33 37.99 5.58
C ASP F 144 10.01 37.27 4.28
N VAL F 145 10.89 37.40 3.29
CA VAL F 145 10.70 36.75 2.01
C VAL F 145 11.88 35.89 1.64
N THR F 146 11.69 34.58 1.63
CA THR F 146 12.63 33.73 0.96
C THR F 146 12.21 33.85 -0.50
N ASN F 147 13.11 34.37 -1.33
CA ASN F 147 12.86 34.54 -2.77
C ASN F 147 13.38 33.36 -3.58
N ASP F 148 12.61 32.97 -4.58
CA ASP F 148 12.84 31.71 -5.32
C ASP F 148 13.23 31.95 -6.78
N GLY F 149 14.49 32.31 -6.99
CA GLY F 149 15.06 32.56 -8.33
C GLY F 149 16.10 33.68 -8.31
N PRO F 150 15.67 34.91 -7.92
CA PRO F 150 14.27 35.23 -7.73
C PRO F 150 13.61 35.52 -9.04
N VAL F 151 12.29 35.63 -9.02
CA VAL F 151 11.54 35.95 -10.19
C VAL F 151 10.63 37.09 -9.87
N THR F 152 10.84 38.20 -10.56
CA THR F 152 9.96 39.32 -10.37
C THR F 152 9.30 39.72 -11.68
N ILE F 153 7.99 39.91 -11.59
CA ILE F 153 7.16 40.22 -12.71
C ILE F 153 6.30 41.39 -12.32
N TYR F 154 6.26 42.38 -13.20
CA TYR F 154 5.47 43.56 -12.97
C TYR F 154 4.36 43.56 -13.98
N ILE F 155 3.32 44.30 -13.64
CA ILE F 155 2.17 44.49 -14.51
C ILE F 155 1.57 45.85 -14.21
N ASP F 156 1.23 46.58 -15.27
CA ASP F 156 0.38 47.75 -15.16
C ASP F 156 -0.83 47.42 -16.04
N THR F 157 -2.05 47.48 -15.49
CA THR F 157 -3.22 47.18 -16.31
C THR F 157 -3.57 48.32 -17.28
N HIS F 158 -2.65 49.26 -17.47
CA HIS F 158 -2.93 50.45 -18.28
C HIS F 158 -2.33 50.43 -19.69
N ASP F 159 -1.10 49.94 -19.83
CA ASP F 159 -0.45 49.74 -21.14
C ASP F 159 -1.23 48.71 -21.95
N ILE F 160 -1.64 47.66 -21.23
CA ILE F 160 -2.65 46.69 -21.66
C ILE F 160 -4.07 47.36 -21.61
N ASN F 161 -5.12 46.58 -21.30
CA ASN F 161 -6.51 47.07 -21.33
C ASN F 161 -7.31 46.79 -20.02
N DGL G . 8.17 -8.67 0.02
CA DGL G . 9.44 -8.29 0.71
C DGL G . 10.32 -9.49 0.91
O DGL G . 10.26 -10.46 0.16
CB DGL G . 10.18 -7.24 -0.11
CG DGL G . 11.31 -6.61 0.70
CD DGL G . 12.47 -6.29 -0.21
OE1 DGL G . 12.37 -5.33 -1.00
OE2 DGL G . 13.50 -7.01 -0.14
OXT DGL G . 11.07 -9.45 1.77
#